data_1XQS
#
_entry.id   1XQS
#
_cell.length_a   73.484
_cell.length_b   94.809
_cell.length_c   155.704
_cell.angle_alpha   90.00
_cell.angle_beta   90.00
_cell.angle_gamma   90.00
#
_symmetry.space_group_name_H-M   'P 21 21 21'
#
loop_
_entity.id
_entity.type
_entity.pdbx_description
1 polymer 'HSPBP1 protein'
2 polymer 'Heat shock 70 kDa protein 1'
3 non-polymer 'ADENOSINE MONOPHOSPHATE'
4 water water
#
loop_
_entity_poly.entity_id
_entity_poly.type
_entity_poly.pdbx_seq_one_letter_code
_entity_poly.pdbx_strand_id
1 'polypeptide(L)'
;GSHMRGQRGEVEQMKSCLRVLSQPMPPTAGEAEQAADQQEREGALELLADLCENMDNAADFCQLSGMHLLVGRYLEAGAA
GLRWRAAQLIGTCSQNVAAIQEQVLGLGALRKLLRLLDRDACDTVRVKALFAISCLVREQEAGLLQFLRLDGFSVLMRAM
QQQVQKLKVKSAFLLQNLLVGHPEHKGTLCSMGMVQQLVALVRTEHSPFHEHVLGALCSLVTDFPQGVRECREPELGLEE
LLRHRCQLLQQHEEYQEELEFCEKLLQTCFSSPADDSMDR
;
A,B
2 'polypeptide(L)'
;GAMGLDRTGKGERNVLIFDLGGGTFDVSILTIDDGIFEVKATAGDTHLGGEDFDNRLVNHFVEEFKRKHKKDISQNKRAV
RRLRTACERAKRTLSSSTQASLEIDSLFEGIDFYTSITRARFEELCSDLFRSTLEPVEKALRDAKLDKAQIHDLVLVGGS
TRIPKVQKLLQDFFNGRDLNKSINPDEAVAY
;
C,D
#
# COMPACT_ATOMS: atom_id res chain seq x y z
N ARG A 8 2.34 6.75 10.64
CA ARG A 8 2.94 7.52 9.50
C ARG A 8 3.75 8.70 10.05
N GLY A 9 4.52 9.35 9.18
CA GLY A 9 5.32 10.48 9.60
C GLY A 9 4.34 11.61 9.89
N GLU A 10 3.08 11.32 9.59
CA GLU A 10 2.01 12.26 9.81
C GLU A 10 1.74 12.35 11.31
N VAL A 11 1.63 11.19 11.95
CA VAL A 11 1.38 11.14 13.39
C VAL A 11 2.47 11.90 14.13
N GLU A 12 3.72 11.65 13.74
CA GLU A 12 4.86 12.31 14.35
C GLU A 12 4.85 13.80 14.07
N GLN A 13 4.46 14.14 12.85
CA GLN A 13 4.42 15.53 12.43
C GLN A 13 3.30 16.33 13.10
N MET A 14 2.13 15.73 13.27
CA MET A 14 1.03 16.46 13.90
C MET A 14 1.26 16.52 15.41
N LYS A 15 1.91 15.50 15.95
CA LYS A 15 2.25 15.44 17.37
C LYS A 15 3.29 16.55 17.59
N SER A 16 3.94 16.91 16.49
CA SER A 16 4.95 17.95 16.44
C SER A 16 4.23 19.31 16.48
N CYS A 17 3.11 19.40 15.77
CA CYS A 17 2.34 20.64 15.75
C CYS A 17 1.72 20.78 17.13
N LEU A 18 1.15 19.68 17.63
CA LEU A 18 0.55 19.64 18.95
C LEU A 18 1.54 20.17 19.96
N ARG A 19 2.78 19.67 19.90
CA ARG A 19 3.82 20.15 20.80
C ARG A 19 3.84 21.66 20.74
N VAL A 20 3.93 22.19 19.52
CA VAL A 20 3.96 23.64 19.30
C VAL A 20 2.76 24.37 19.87
N LEU A 21 1.58 23.78 19.69
CA LEU A 21 0.36 24.38 20.17
C LEU A 21 0.19 24.30 21.70
N SER A 22 0.86 23.33 22.32
CA SER A 22 0.75 23.16 23.77
C SER A 22 1.55 24.18 24.56
N GLN A 23 2.74 24.51 24.09
CA GLN A 23 3.57 25.50 24.79
C GLN A 23 2.72 26.75 25.07
N PRO A 24 2.47 27.04 26.35
CA PRO A 24 1.67 28.21 26.70
C PRO A 24 2.24 29.53 26.18
N MET A 25 1.41 30.57 26.13
CA MET A 25 1.84 31.86 25.61
C MET A 25 3.05 32.44 26.36
N PRO A 26 4.01 33.04 25.63
CA PRO A 26 5.22 33.65 26.17
C PRO A 26 5.00 34.49 27.44
N PRO A 27 6.06 34.71 28.23
CA PRO A 27 5.96 35.51 29.46
C PRO A 27 5.87 37.01 29.15
N THR A 28 4.75 37.44 28.60
CA THR A 28 4.56 38.85 28.23
C THR A 28 5.75 39.34 27.39
N ALA A 29 6.14 38.52 26.43
CA ALA A 29 7.27 38.80 25.54
C ALA A 29 7.12 40.09 24.75
N GLY A 30 8.09 40.36 23.89
CA GLY A 30 8.07 41.57 23.08
C GLY A 30 7.37 41.40 21.74
N GLU A 31 7.37 42.45 20.93
CA GLU A 31 6.74 42.42 19.62
C GLU A 31 7.17 41.22 18.78
N ALA A 32 8.38 41.29 18.25
CA ALA A 32 8.91 40.22 17.42
C ALA A 32 8.91 38.86 18.13
N GLU A 33 8.37 38.82 19.34
CA GLU A 33 8.31 37.58 20.11
C GLU A 33 6.88 37.09 20.21
N GLN A 34 5.93 38.00 19.94
CA GLN A 34 4.52 37.68 19.97
C GLN A 34 4.09 37.33 18.55
N ALA A 35 4.38 38.25 17.61
CA ALA A 35 4.04 38.08 16.20
C ALA A 35 4.82 36.91 15.61
N ALA A 36 5.77 36.40 16.38
CA ALA A 36 6.57 35.27 15.94
C ALA A 36 5.92 34.03 16.52
N ASP A 37 5.78 34.02 17.84
CA ASP A 37 5.16 32.92 18.58
C ASP A 37 3.80 32.59 17.96
N GLN A 38 3.15 33.61 17.41
CA GLN A 38 1.84 33.46 16.79
C GLN A 38 1.91 32.79 15.43
N GLN A 39 2.74 33.33 14.55
CA GLN A 39 2.91 32.77 13.23
C GLN A 39 3.26 31.30 13.35
N GLU A 40 3.97 30.94 14.41
CA GLU A 40 4.38 29.56 14.63
C GLU A 40 3.18 28.68 14.98
N ARG A 41 2.11 29.30 15.48
CA ARG A 41 0.91 28.55 15.83
C ARG A 41 -0.05 28.57 14.66
N GLU A 42 -0.13 29.71 13.97
CA GLU A 42 -0.97 29.81 12.80
C GLU A 42 -0.52 28.69 11.88
N GLY A 43 0.80 28.59 11.70
CA GLY A 43 1.38 27.55 10.89
C GLY A 43 1.07 26.15 11.38
N ALA A 44 1.33 25.86 12.65
CA ALA A 44 1.06 24.51 13.15
C ALA A 44 -0.42 24.11 13.02
N LEU A 45 -1.30 25.09 13.11
CA LEU A 45 -2.75 24.87 13.02
C LEU A 45 -3.17 24.60 11.58
N GLU A 46 -2.52 25.28 10.64
CA GLU A 46 -2.84 25.08 9.23
C GLU A 46 -2.40 23.69 8.82
N LEU A 47 -1.17 23.37 9.20
CA LEU A 47 -0.59 22.08 8.87
C LEU A 47 -1.45 20.97 9.44
N LEU A 48 -2.02 21.21 10.61
CA LEU A 48 -2.87 20.19 11.22
C LEU A 48 -4.15 19.98 10.40
N ALA A 49 -4.63 21.07 9.78
CA ALA A 49 -5.83 21.05 8.93
C ALA A 49 -5.61 20.17 7.73
N ASP A 50 -4.53 20.46 7.02
CA ASP A 50 -4.17 19.68 5.84
C ASP A 50 -4.01 18.20 6.21
N LEU A 51 -3.35 17.93 7.33
CA LEU A 51 -3.18 16.55 7.75
C LEU A 51 -4.52 15.95 8.13
N CYS A 52 -5.35 16.72 8.82
CA CYS A 52 -6.65 16.21 9.27
C CYS A 52 -7.74 16.04 8.24
N GLU A 53 -7.51 16.51 7.01
CA GLU A 53 -8.50 16.36 5.97
C GLU A 53 -8.81 14.87 5.84
N ASN A 54 -7.80 14.05 6.11
CA ASN A 54 -7.89 12.58 6.06
C ASN A 54 -8.49 12.04 7.39
N MET A 55 -9.58 11.29 7.31
CA MET A 55 -10.27 10.74 8.48
C MET A 55 -9.27 10.27 9.54
N ASP A 56 -8.43 9.32 9.16
CA ASP A 56 -7.43 8.71 10.04
C ASP A 56 -6.64 9.72 10.83
N ASN A 57 -5.98 10.65 10.14
CA ASN A 57 -5.21 11.64 10.85
C ASN A 57 -6.05 12.38 11.89
N ALA A 58 -7.22 12.87 11.47
CA ALA A 58 -8.12 13.60 12.36
C ALA A 58 -8.46 12.70 13.53
N ALA A 59 -8.65 11.42 13.25
CA ALA A 59 -8.96 10.43 14.29
C ALA A 59 -7.82 10.41 15.29
N ASP A 60 -6.61 10.20 14.80
CA ASP A 60 -5.45 10.15 15.65
C ASP A 60 -5.27 11.48 16.37
N PHE A 61 -5.68 12.57 15.74
CA PHE A 61 -5.57 13.89 16.37
C PHE A 61 -6.40 13.89 17.67
N CYS A 62 -7.60 13.31 17.62
CA CYS A 62 -8.49 13.25 18.78
C CYS A 62 -7.92 12.37 19.90
N GLN A 63 -7.30 11.25 19.50
CA GLN A 63 -6.72 10.33 20.47
C GLN A 63 -5.67 11.06 21.27
N LEU A 64 -4.91 11.93 20.60
CA LEU A 64 -3.86 12.70 21.24
C LEU A 64 -4.36 13.92 21.99
N SER A 65 -5.59 13.83 22.51
CA SER A 65 -6.18 14.94 23.26
C SER A 65 -6.18 16.23 22.46
N GLY A 66 -5.95 16.13 21.16
CA GLY A 66 -5.92 17.31 20.32
C GLY A 66 -7.19 18.13 20.34
N MET A 67 -8.32 17.47 20.18
CA MET A 67 -9.59 18.18 20.15
C MET A 67 -9.87 18.97 21.42
N HIS A 68 -9.31 18.54 22.53
CA HIS A 68 -9.51 19.22 23.80
C HIS A 68 -8.82 20.58 23.78
N LEU A 69 -7.53 20.60 23.46
CA LEU A 69 -6.76 21.85 23.39
C LEU A 69 -7.37 22.83 22.40
N LEU A 70 -8.03 22.31 21.38
CA LEU A 70 -8.64 23.15 20.34
C LEU A 70 -9.90 23.91 20.78
N VAL A 71 -10.92 23.15 21.19
CA VAL A 71 -12.19 23.72 21.64
C VAL A 71 -12.11 24.65 22.82
N GLY A 72 -11.51 24.21 23.90
CA GLY A 72 -11.40 25.00 25.11
C GLY A 72 -10.51 26.25 24.97
N ARG A 73 -9.19 25.98 24.72
CA ARG A 73 -8.15 27.00 24.66
C ARG A 73 -8.04 27.87 23.40
N TYR A 74 -7.99 27.28 22.24
CA TYR A 74 -7.71 28.09 21.05
C TYR A 74 -8.92 28.81 20.41
N LEU A 75 -10.01 28.05 20.24
CA LEU A 75 -11.22 28.70 19.77
C LEU A 75 -11.44 30.05 20.47
N GLU A 76 -11.09 30.05 21.77
CA GLU A 76 -11.22 31.23 22.63
C GLU A 76 -9.96 32.08 22.72
N ALA A 77 -9.03 31.89 21.80
CA ALA A 77 -7.80 32.65 21.80
C ALA A 77 -8.05 34.16 21.73
N GLY A 78 -6.97 34.94 21.66
CA GLY A 78 -7.13 36.38 21.60
C GLY A 78 -7.02 36.86 20.17
N ALA A 79 -6.10 36.23 19.45
CA ALA A 79 -5.85 36.56 18.05
C ALA A 79 -6.86 35.89 17.11
N ALA A 80 -7.54 36.73 16.33
CA ALA A 80 -8.53 36.27 15.37
C ALA A 80 -7.90 35.17 14.53
N GLY A 81 -6.64 35.38 14.15
CA GLY A 81 -5.92 34.42 13.34
C GLY A 81 -5.89 33.03 13.92
N LEU A 82 -5.72 32.93 15.23
CA LEU A 82 -5.66 31.65 15.91
C LEU A 82 -7.08 31.07 16.04
N ARG A 83 -8.05 31.98 16.16
CA ARG A 83 -9.43 31.59 16.29
C ARG A 83 -10.00 30.90 15.04
N TRP A 84 -10.05 31.61 13.91
CA TRP A 84 -10.60 30.99 12.72
C TRP A 84 -9.86 29.75 12.28
N ARG A 85 -8.55 29.73 12.45
CA ARG A 85 -7.79 28.55 12.05
C ARG A 85 -8.18 27.38 12.93
N ALA A 86 -8.55 27.67 14.17
CA ALA A 86 -8.95 26.63 15.09
C ALA A 86 -10.34 26.12 14.68
N ALA A 87 -11.23 27.06 14.36
CA ALA A 87 -12.57 26.68 13.92
C ALA A 87 -12.40 25.78 12.71
N GLN A 88 -11.64 26.27 11.74
CA GLN A 88 -11.36 25.56 10.51
C GLN A 88 -10.93 24.13 10.80
N LEU A 89 -9.92 23.98 11.65
CA LEU A 89 -9.43 22.66 12.01
C LEU A 89 -10.56 21.83 12.63
N ILE A 90 -11.31 22.42 13.58
CA ILE A 90 -12.41 21.71 14.23
C ILE A 90 -13.39 21.20 13.21
N GLY A 91 -13.63 22.04 12.20
CA GLY A 91 -14.53 21.67 11.13
C GLY A 91 -13.96 20.50 10.34
N THR A 92 -12.77 20.70 9.77
CA THR A 92 -12.10 19.68 8.97
C THR A 92 -12.14 18.28 9.60
N CYS A 93 -11.79 18.18 10.87
CA CYS A 93 -11.78 16.89 11.53
C CYS A 93 -13.15 16.23 11.58
N SER A 94 -14.16 17.00 11.99
CA SER A 94 -15.52 16.48 12.16
C SER A 94 -16.34 16.14 10.91
N GLN A 95 -16.18 16.87 9.85
CA GLN A 95 -17.01 16.79 8.65
C GLN A 95 -17.32 15.34 8.30
N ASN A 96 -18.63 15.00 8.41
CA ASN A 96 -19.15 13.71 8.02
C ASN A 96 -18.57 12.48 8.73
N VAL A 97 -18.05 12.67 9.95
CA VAL A 97 -17.48 11.57 10.75
C VAL A 97 -18.08 11.56 12.16
N ALA A 98 -19.13 10.76 12.32
CA ALA A 98 -19.90 10.66 13.57
C ALA A 98 -19.12 10.71 14.88
N ALA A 99 -18.14 9.83 15.01
CA ALA A 99 -17.31 9.72 16.20
C ALA A 99 -16.55 11.00 16.57
N ILE A 100 -15.97 11.68 15.59
CA ILE A 100 -15.23 12.90 15.89
C ILE A 100 -16.22 14.02 16.11
N GLN A 101 -17.42 13.88 15.55
CA GLN A 101 -18.44 14.90 15.75
C GLN A 101 -18.88 14.80 17.20
N GLU A 102 -19.22 13.59 17.61
CA GLU A 102 -19.67 13.35 18.97
C GLU A 102 -18.72 13.87 20.04
N GLN A 103 -17.44 13.64 19.86
CA GLN A 103 -16.47 14.11 20.81
C GLN A 103 -16.35 15.62 20.85
N VAL A 104 -16.40 16.27 19.69
CA VAL A 104 -16.29 17.73 19.64
C VAL A 104 -17.55 18.30 20.24
N LEU A 105 -18.66 17.63 19.96
CA LEU A 105 -19.96 18.03 20.48
C LEU A 105 -19.88 17.94 21.99
N GLY A 106 -19.45 16.79 22.49
CA GLY A 106 -19.32 16.59 23.93
C GLY A 106 -18.46 17.63 24.67
N LEU A 107 -17.49 18.26 24.02
CA LEU A 107 -16.66 19.24 24.70
C LEU A 107 -17.34 20.60 24.65
N GLY A 108 -18.62 20.59 24.27
CA GLY A 108 -19.42 21.81 24.20
C GLY A 108 -18.89 22.93 23.34
N ALA A 109 -18.52 22.59 22.10
CA ALA A 109 -17.98 23.56 21.14
C ALA A 109 -19.11 24.39 20.51
N LEU A 110 -20.13 23.69 20.02
CA LEU A 110 -21.28 24.29 19.36
C LEU A 110 -21.70 25.59 20.02
N ARG A 111 -21.56 25.64 21.35
CA ARG A 111 -21.92 26.81 22.11
C ARG A 111 -20.88 27.89 21.92
N LYS A 112 -19.61 27.50 21.83
CA LYS A 112 -18.54 28.49 21.64
C LYS A 112 -18.55 28.92 20.17
N LEU A 113 -18.80 27.95 19.28
CA LEU A 113 -18.89 28.23 17.86
C LEU A 113 -20.04 29.22 17.61
N LEU A 114 -21.26 28.83 17.98
CA LEU A 114 -22.43 29.69 17.84
C LEU A 114 -22.20 31.09 18.39
N ARG A 115 -21.55 31.19 19.54
CA ARG A 115 -21.26 32.49 20.15
C ARG A 115 -20.43 33.28 19.14
N LEU A 116 -19.26 32.74 18.77
CA LEU A 116 -18.37 33.34 17.79
C LEU A 116 -19.09 33.79 16.52
N LEU A 117 -19.93 32.91 15.96
CA LEU A 117 -20.69 33.21 14.74
C LEU A 117 -21.51 34.46 14.89
N ASP A 118 -22.26 34.49 16.00
CA ASP A 118 -23.16 35.59 16.30
C ASP A 118 -22.55 36.91 16.72
N ARG A 119 -21.29 36.91 17.14
CA ARG A 119 -20.70 38.17 17.56
C ARG A 119 -19.19 38.26 17.64
N ASP A 120 -18.52 38.11 16.51
CA ASP A 120 -17.07 38.20 16.50
C ASP A 120 -16.75 39.39 15.61
N ALA A 121 -15.68 40.09 15.96
CA ALA A 121 -15.22 41.29 15.25
C ALA A 121 -14.54 41.02 13.92
N CYS A 122 -14.19 39.76 13.66
CA CYS A 122 -13.52 39.35 12.42
C CYS A 122 -14.47 38.50 11.58
N ASP A 123 -14.86 39.02 10.42
CA ASP A 123 -15.76 38.27 9.56
C ASP A 123 -15.25 36.88 9.22
N THR A 124 -13.92 36.72 9.17
CA THR A 124 -13.34 35.42 8.87
C THR A 124 -13.61 34.41 9.98
N VAL A 125 -13.52 34.85 11.23
CA VAL A 125 -13.78 33.94 12.34
C VAL A 125 -15.23 33.49 12.25
N ARG A 126 -16.13 34.44 12.00
CA ARG A 126 -17.56 34.14 11.90
C ARG A 126 -17.84 33.14 10.79
N VAL A 127 -17.10 33.25 9.69
CA VAL A 127 -17.25 32.36 8.55
C VAL A 127 -16.70 30.97 8.82
N LYS A 128 -15.54 30.88 9.47
CA LYS A 128 -15.00 29.56 9.75
C LYS A 128 -15.80 28.86 10.85
N ALA A 129 -16.41 29.69 11.70
CA ALA A 129 -17.23 29.17 12.77
C ALA A 129 -18.46 28.54 12.14
N LEU A 130 -19.14 29.27 11.26
CA LEU A 130 -20.32 28.71 10.60
C LEU A 130 -19.94 27.39 9.91
N PHE A 131 -18.75 27.38 9.31
CA PHE A 131 -18.21 26.20 8.63
C PHE A 131 -18.11 25.02 9.63
N ALA A 132 -17.57 25.30 10.81
CA ALA A 132 -17.40 24.29 11.85
C ALA A 132 -18.74 23.76 12.32
N ILE A 133 -19.66 24.68 12.57
CA ILE A 133 -21.03 24.40 12.99
C ILE A 133 -21.67 23.45 11.98
N SER A 134 -21.60 23.81 10.71
CA SER A 134 -22.19 23.00 9.65
C SER A 134 -21.61 21.59 9.67
N CYS A 135 -20.28 21.51 9.79
CA CYS A 135 -19.59 20.23 9.81
C CYS A 135 -19.96 19.39 11.01
N LEU A 136 -20.62 20.00 12.00
CA LEU A 136 -21.01 19.29 13.21
C LEU A 136 -22.47 18.87 13.26
N VAL A 137 -23.37 19.64 12.67
CA VAL A 137 -24.76 19.26 12.74
C VAL A 137 -25.28 18.55 11.49
N ARG A 138 -24.56 18.60 10.37
CA ARG A 138 -25.06 17.96 9.16
C ARG A 138 -25.06 16.44 9.24
N GLU A 139 -26.19 15.83 8.91
CA GLU A 139 -26.30 14.39 8.99
C GLU A 139 -25.85 13.89 10.34
N GLN A 140 -25.83 14.76 11.35
CA GLN A 140 -25.43 14.39 12.72
C GLN A 140 -26.57 14.72 13.73
N GLU A 141 -27.46 13.76 13.98
CA GLU A 141 -28.63 13.93 14.86
C GLU A 141 -28.38 14.58 16.24
N ALA A 142 -27.48 14.02 17.03
CA ALA A 142 -27.22 14.58 18.37
C ALA A 142 -26.78 16.03 18.28
N GLY A 143 -26.08 16.36 17.21
CA GLY A 143 -25.60 17.71 17.02
C GLY A 143 -26.71 18.66 16.58
N LEU A 144 -27.68 18.15 15.81
CA LEU A 144 -28.78 19.00 15.35
C LEU A 144 -29.66 19.39 16.52
N LEU A 145 -29.76 18.50 17.52
CA LEU A 145 -30.58 18.77 18.68
C LEU A 145 -29.88 19.79 19.59
N GLN A 146 -28.61 19.59 19.90
CA GLN A 146 -27.90 20.54 20.75
C GLN A 146 -27.99 21.90 20.06
N PHE A 147 -28.12 21.86 18.74
CA PHE A 147 -28.21 23.06 17.90
C PHE A 147 -29.55 23.80 18.04
N LEU A 148 -30.65 23.09 17.79
CA LEU A 148 -31.98 23.67 17.93
C LEU A 148 -32.13 24.19 19.35
N ARG A 149 -31.75 23.38 20.33
CA ARG A 149 -31.80 23.77 21.73
C ARG A 149 -30.99 25.04 22.00
N LEU A 150 -30.01 25.32 21.15
CA LEU A 150 -29.19 26.52 21.36
C LEU A 150 -29.67 27.67 20.50
N ASP A 151 -30.93 27.57 20.06
CA ASP A 151 -31.56 28.59 19.23
C ASP A 151 -30.84 28.69 17.89
N GLY A 152 -30.35 27.56 17.40
CA GLY A 152 -29.63 27.52 16.15
C GLY A 152 -30.25 28.23 14.96
N PHE A 153 -31.52 28.00 14.69
CA PHE A 153 -32.13 28.66 13.54
C PHE A 153 -32.13 30.18 13.66
N SER A 154 -31.89 30.71 14.85
CA SER A 154 -31.88 32.14 14.96
C SER A 154 -30.49 32.71 14.79
N VAL A 155 -29.48 31.94 15.23
CA VAL A 155 -28.11 32.41 15.06
C VAL A 155 -27.89 32.37 13.55
N LEU A 156 -28.47 31.34 12.93
CA LEU A 156 -28.35 31.15 11.50
C LEU A 156 -28.89 32.35 10.74
N MET A 157 -30.21 32.52 10.77
CA MET A 157 -30.89 33.60 10.06
C MET A 157 -30.24 34.98 10.26
N ARG A 158 -29.75 35.25 11.45
CA ARG A 158 -29.10 36.53 11.70
C ARG A 158 -27.86 36.61 10.84
N ALA A 159 -27.29 35.44 10.53
CA ALA A 159 -26.09 35.40 9.71
C ALA A 159 -26.45 35.74 8.27
N MET A 160 -27.53 35.16 7.77
CA MET A 160 -27.96 35.44 6.42
C MET A 160 -28.11 36.94 6.29
N GLN A 161 -28.55 37.57 7.39
CA GLN A 161 -28.79 39.00 7.41
C GLN A 161 -27.54 39.84 7.52
N GLN A 162 -26.41 39.19 7.78
CA GLN A 162 -25.12 39.87 7.91
C GLN A 162 -24.63 40.31 6.55
N GLN A 163 -23.87 41.39 6.50
CA GLN A 163 -23.37 41.83 5.21
C GLN A 163 -22.04 41.14 4.98
N VAL A 164 -22.11 39.82 4.89
CA VAL A 164 -20.95 38.96 4.68
C VAL A 164 -21.36 37.81 3.76
N GLN A 165 -21.02 37.92 2.48
CA GLN A 165 -21.35 36.91 1.48
C GLN A 165 -21.18 35.48 1.97
N LYS A 166 -19.94 35.08 2.23
CA LYS A 166 -19.65 33.73 2.66
C LYS A 166 -20.62 33.24 3.74
N LEU A 167 -21.10 34.14 4.59
CA LEU A 167 -22.04 33.78 5.64
C LEU A 167 -23.37 33.47 5.02
N LYS A 168 -23.72 34.26 4.01
CA LYS A 168 -24.98 34.08 3.30
C LYS A 168 -25.01 32.75 2.56
N VAL A 169 -23.96 32.47 1.82
CA VAL A 169 -23.90 31.21 1.09
C VAL A 169 -23.83 30.02 2.04
N LYS A 170 -22.89 30.07 3.00
CA LYS A 170 -22.73 29.00 4.00
C LYS A 170 -24.01 28.73 4.77
N SER A 171 -24.77 29.78 5.06
CA SER A 171 -26.01 29.62 5.80
C SER A 171 -27.05 28.97 4.93
N ALA A 172 -27.18 29.45 3.70
CA ALA A 172 -28.17 28.89 2.79
C ALA A 172 -27.86 27.41 2.54
N PHE A 173 -26.58 27.11 2.35
CA PHE A 173 -26.11 25.75 2.11
C PHE A 173 -26.51 24.78 3.22
N LEU A 174 -26.29 25.17 4.47
CA LEU A 174 -26.64 24.34 5.62
C LEU A 174 -28.14 24.19 5.81
N LEU A 175 -28.91 25.25 5.57
CA LEU A 175 -30.35 25.21 5.73
C LEU A 175 -30.89 24.22 4.72
N GLN A 176 -30.39 24.27 3.49
CA GLN A 176 -30.87 23.33 2.50
C GLN A 176 -30.65 21.91 2.96
N ASN A 177 -29.48 21.65 3.54
CA ASN A 177 -29.17 20.31 4.01
C ASN A 177 -30.15 19.94 5.09
N LEU A 178 -30.13 20.72 6.15
CA LEU A 178 -31.01 20.47 7.28
C LEU A 178 -32.47 20.24 6.90
N LEU A 179 -32.97 20.98 5.92
CA LEU A 179 -34.36 20.84 5.51
C LEU A 179 -34.63 19.49 4.84
N VAL A 180 -33.63 18.95 4.16
CA VAL A 180 -33.78 17.68 3.47
C VAL A 180 -33.99 16.53 4.44
N GLY A 181 -33.04 16.36 5.36
CA GLY A 181 -33.17 15.28 6.32
C GLY A 181 -34.18 15.48 7.44
N HIS A 182 -34.69 16.69 7.59
CA HIS A 182 -35.65 16.96 8.66
C HIS A 182 -36.79 17.91 8.25
N PRO A 183 -37.72 17.42 7.44
CA PRO A 183 -38.85 18.26 7.01
C PRO A 183 -39.80 18.57 8.16
N GLU A 184 -39.58 17.98 9.32
CA GLU A 184 -40.47 18.25 10.43
C GLU A 184 -40.29 19.69 10.91
N HIS A 185 -39.15 20.29 10.58
CA HIS A 185 -38.93 21.66 11.01
C HIS A 185 -39.50 22.72 10.10
N LYS A 186 -40.09 22.31 8.99
CA LYS A 186 -40.66 23.28 8.07
C LYS A 186 -41.44 24.38 8.81
N GLY A 187 -42.40 23.95 9.63
CA GLY A 187 -43.22 24.88 10.38
C GLY A 187 -42.48 25.91 11.21
N THR A 188 -41.74 25.46 12.21
CA THR A 188 -41.04 26.41 13.06
C THR A 188 -40.16 27.37 12.25
N LEU A 189 -39.84 27.00 11.01
CA LEU A 189 -39.01 27.85 10.17
C LEU A 189 -39.83 28.93 9.50
N CYS A 190 -40.95 28.53 8.90
CA CYS A 190 -41.83 29.48 8.23
C CYS A 190 -42.30 30.58 9.18
N SER A 191 -42.79 30.14 10.34
CA SER A 191 -43.28 31.04 11.36
C SER A 191 -42.15 31.92 11.90
N MET A 192 -40.94 31.56 11.57
CA MET A 192 -39.81 32.38 11.98
C MET A 192 -39.49 33.44 10.93
N GLY A 193 -40.25 33.29 9.82
CA GLY A 193 -40.09 34.20 8.70
C GLY A 193 -38.89 33.90 7.82
N MET A 194 -38.50 32.62 7.74
CA MET A 194 -37.36 32.26 6.90
C MET A 194 -37.69 32.40 5.42
N VAL A 195 -38.96 32.22 5.06
CA VAL A 195 -39.30 32.36 3.66
C VAL A 195 -38.95 33.77 3.19
N GLN A 196 -39.36 34.76 3.95
CA GLN A 196 -39.10 36.15 3.60
C GLN A 196 -37.59 36.35 3.44
N GLN A 197 -36.84 35.81 4.41
CA GLN A 197 -35.38 35.93 4.44
C GLN A 197 -34.72 35.29 3.23
N LEU A 198 -35.12 34.05 2.96
CA LEU A 198 -34.58 33.33 1.83
C LEU A 198 -34.83 34.16 0.57
N VAL A 199 -36.06 34.64 0.41
CA VAL A 199 -36.41 35.45 -0.74
C VAL A 199 -35.53 36.70 -0.82
N ALA A 200 -35.11 37.20 0.32
CA ALA A 200 -34.28 38.39 0.36
C ALA A 200 -32.92 38.13 -0.32
N LEU A 201 -32.44 36.91 -0.15
CA LEU A 201 -31.15 36.49 -0.71
C LEU A 201 -31.30 36.23 -2.19
N VAL A 202 -32.50 35.89 -2.65
CA VAL A 202 -32.69 35.63 -4.07
C VAL A 202 -32.53 36.96 -4.80
N ARG A 203 -33.16 38.02 -4.30
CA ARG A 203 -33.08 39.35 -4.92
C ARG A 203 -31.68 39.94 -4.97
N THR A 204 -30.69 39.19 -4.52
CA THR A 204 -29.32 39.71 -4.55
C THR A 204 -28.74 39.30 -5.91
N GLU A 205 -27.55 39.83 -6.23
CA GLU A 205 -26.87 39.50 -7.47
C GLU A 205 -26.74 37.99 -7.58
N HIS A 206 -27.20 37.44 -8.69
CA HIS A 206 -27.14 36.00 -8.82
C HIS A 206 -25.73 35.49 -8.80
N SER A 207 -25.57 34.35 -8.15
CA SER A 207 -24.29 33.67 -8.02
C SER A 207 -24.62 32.23 -7.66
N PRO A 208 -23.60 31.33 -7.67
CA PRO A 208 -23.81 29.92 -7.35
C PRO A 208 -24.68 29.57 -6.16
N PHE A 209 -24.40 30.15 -5.00
CA PHE A 209 -25.15 29.81 -3.80
C PHE A 209 -26.67 29.85 -3.90
N HIS A 210 -27.19 30.62 -4.85
CA HIS A 210 -28.63 30.71 -5.07
C HIS A 210 -29.27 29.33 -5.23
N GLU A 211 -28.52 28.38 -5.77
CA GLU A 211 -29.06 27.04 -5.93
C GLU A 211 -29.52 26.50 -4.58
N HIS A 212 -28.78 26.89 -3.53
CA HIS A 212 -29.09 26.44 -2.18
C HIS A 212 -30.25 27.19 -1.56
N VAL A 213 -30.34 28.48 -1.85
CA VAL A 213 -31.43 29.31 -1.36
C VAL A 213 -32.70 28.76 -1.95
N LEU A 214 -32.82 28.76 -3.27
CA LEU A 214 -34.01 28.22 -3.91
C LEU A 214 -34.16 26.76 -3.49
N GLY A 215 -33.05 26.09 -3.24
CA GLY A 215 -33.10 24.72 -2.81
C GLY A 215 -33.88 24.54 -1.53
N ALA A 216 -33.59 25.37 -0.54
CA ALA A 216 -34.30 25.31 0.73
C ALA A 216 -35.76 25.74 0.51
N LEU A 217 -35.91 26.92 -0.08
CA LEU A 217 -37.23 27.49 -0.35
C LEU A 217 -38.13 26.43 -0.94
N CYS A 218 -37.58 25.63 -1.84
CA CYS A 218 -38.33 24.58 -2.51
C CYS A 218 -38.77 23.51 -1.53
N SER A 219 -38.03 23.25 -0.45
CA SER A 219 -38.39 22.23 0.54
C SER A 219 -39.47 22.76 1.48
N LEU A 220 -39.34 24.03 1.85
CA LEU A 220 -40.29 24.66 2.75
C LEU A 220 -41.71 24.66 2.14
N VAL A 221 -41.79 24.62 0.82
CA VAL A 221 -43.05 24.64 0.11
C VAL A 221 -43.60 23.23 -0.17
N THR A 222 -42.70 22.26 -0.25
CA THR A 222 -43.07 20.88 -0.54
C THR A 222 -44.03 20.26 0.46
N ASP A 223 -45.25 19.97 0.00
CA ASP A 223 -46.28 19.40 0.86
C ASP A 223 -46.25 20.13 2.17
N PHE A 224 -46.62 21.41 2.12
CA PHE A 224 -46.62 22.26 3.30
C PHE A 224 -47.29 23.60 2.96
N PRO A 225 -48.63 23.63 2.95
CA PRO A 225 -49.39 24.84 2.64
C PRO A 225 -49.02 26.09 3.42
N GLN A 226 -48.59 25.95 4.67
CA GLN A 226 -48.19 27.14 5.43
C GLN A 226 -47.10 27.85 4.62
N GLY A 227 -46.15 27.05 4.11
CA GLY A 227 -45.05 27.58 3.33
C GLY A 227 -45.50 28.12 1.99
N VAL A 228 -46.37 27.39 1.29
CA VAL A 228 -46.86 27.84 -0.02
C VAL A 228 -47.58 29.17 0.16
N ARG A 229 -48.22 29.32 1.31
CA ARG A 229 -48.92 30.55 1.65
C ARG A 229 -47.88 31.66 1.80
N GLU A 230 -46.78 31.36 2.49
CA GLU A 230 -45.69 32.30 2.70
C GLU A 230 -45.14 32.89 1.41
N CYS A 231 -45.08 32.05 0.37
CA CYS A 231 -44.55 32.44 -0.92
C CYS A 231 -45.54 33.21 -1.80
N ARG A 232 -46.84 32.99 -1.59
CA ARG A 232 -47.86 33.69 -2.36
C ARG A 232 -48.05 35.09 -1.82
N GLU A 233 -47.49 35.35 -0.64
CA GLU A 233 -47.57 36.67 -0.03
C GLU A 233 -47.26 37.67 -1.14
N PRO A 234 -48.20 38.59 -1.41
CA PRO A 234 -48.05 39.63 -2.44
C PRO A 234 -46.79 40.48 -2.31
N GLU A 235 -46.60 41.06 -1.13
CA GLU A 235 -45.46 41.94 -0.83
C GLU A 235 -44.12 41.42 -1.36
N LEU A 236 -43.85 40.14 -1.14
CA LEU A 236 -42.62 39.50 -1.58
C LEU A 236 -42.46 39.57 -3.09
N GLY A 237 -43.55 39.34 -3.80
CA GLY A 237 -43.51 39.37 -5.25
C GLY A 237 -42.64 38.25 -5.74
N LEU A 238 -42.73 37.12 -5.04
CA LEU A 238 -41.92 35.95 -5.35
C LEU A 238 -42.15 35.39 -6.74
N GLU A 239 -43.38 35.52 -7.25
CA GLU A 239 -43.69 35.00 -8.58
C GLU A 239 -42.97 35.76 -9.71
N GLU A 240 -43.22 37.06 -9.79
CA GLU A 240 -42.59 37.88 -10.81
C GLU A 240 -41.08 37.55 -10.81
N LEU A 241 -40.54 37.45 -9.59
CA LEU A 241 -39.11 37.16 -9.34
C LEU A 241 -38.59 35.83 -9.90
N LEU A 242 -39.29 34.75 -9.58
CA LEU A 242 -38.88 33.42 -10.03
C LEU A 242 -39.06 33.18 -11.53
N ARG A 243 -39.89 33.98 -12.18
CA ARG A 243 -40.10 33.78 -13.62
C ARG A 243 -38.98 34.53 -14.36
N HIS A 244 -38.55 35.64 -13.77
CA HIS A 244 -37.49 36.47 -14.34
C HIS A 244 -36.15 35.75 -14.19
N ARG A 245 -36.08 34.87 -13.20
CA ARG A 245 -34.90 34.08 -12.91
C ARG A 245 -35.00 32.83 -13.78
N CYS A 246 -36.14 32.13 -13.69
CA CYS A 246 -36.36 30.92 -14.49
C CYS A 246 -35.87 31.18 -15.91
N GLN A 247 -36.00 32.42 -16.37
CA GLN A 247 -35.58 32.79 -17.70
C GLN A 247 -34.08 33.09 -17.85
N LEU A 248 -33.42 33.51 -16.77
CA LEU A 248 -31.99 33.81 -16.82
C LEU A 248 -31.14 32.52 -16.83
N LEU A 249 -31.66 31.47 -16.20
CA LEU A 249 -30.98 30.19 -16.13
C LEU A 249 -31.60 29.29 -17.19
N GLN A 250 -31.16 29.43 -18.44
CA GLN A 250 -31.73 28.65 -19.54
C GLN A 250 -30.80 27.71 -20.29
N GLN A 251 -29.85 28.28 -21.03
CA GLN A 251 -28.91 27.45 -21.78
C GLN A 251 -27.74 27.08 -20.88
N HIS A 252 -27.81 27.54 -19.63
CA HIS A 252 -26.78 27.31 -18.62
C HIS A 252 -26.83 25.98 -17.88
N GLU A 253 -25.75 25.22 -18.00
CA GLU A 253 -25.61 23.92 -17.36
C GLU A 253 -25.08 24.06 -15.94
N GLU A 254 -24.33 25.13 -15.70
CA GLU A 254 -23.75 25.39 -14.40
C GLU A 254 -24.80 25.83 -13.39
N TYR A 255 -26.06 25.95 -13.80
CA TYR A 255 -27.14 26.38 -12.92
C TYR A 255 -28.33 25.45 -12.98
N GLN A 256 -28.12 24.29 -13.60
CA GLN A 256 -29.18 23.32 -13.75
C GLN A 256 -30.03 23.06 -12.51
N GLU A 257 -29.39 22.77 -11.39
CA GLU A 257 -30.13 22.44 -10.17
C GLU A 257 -30.95 23.61 -9.66
N GLU A 258 -30.52 24.84 -9.95
CA GLU A 258 -31.27 25.99 -9.50
C GLU A 258 -32.54 26.05 -10.33
N LEU A 259 -32.39 25.89 -11.64
CA LEU A 259 -33.53 25.91 -12.54
C LEU A 259 -34.53 24.82 -12.21
N GLU A 260 -34.07 23.68 -11.71
CA GLU A 260 -35.01 22.60 -11.37
C GLU A 260 -35.81 23.04 -10.17
N PHE A 261 -35.12 23.74 -9.26
CA PHE A 261 -35.70 24.23 -8.02
C PHE A 261 -36.59 25.43 -8.27
N CYS A 262 -36.05 26.36 -9.04
CA CYS A 262 -36.75 27.58 -9.39
C CYS A 262 -38.05 27.25 -10.10
N GLU A 263 -38.04 26.19 -10.89
CA GLU A 263 -39.25 25.79 -11.61
C GLU A 263 -40.19 25.04 -10.72
N LYS A 264 -39.70 24.02 -10.03
CA LYS A 264 -40.56 23.26 -9.15
C LYS A 264 -41.30 24.21 -8.23
N LEU A 265 -40.66 25.33 -7.89
CA LEU A 265 -41.33 26.29 -7.03
C LEU A 265 -42.54 26.84 -7.76
N LEU A 266 -42.30 27.57 -8.84
CA LEU A 266 -43.37 28.15 -9.64
C LEU A 266 -44.51 27.15 -9.83
N GLN A 267 -44.16 25.95 -10.28
CA GLN A 267 -45.15 24.90 -10.53
C GLN A 267 -46.07 24.53 -9.37
N THR A 268 -45.66 24.74 -8.13
CA THR A 268 -46.54 24.37 -7.01
C THR A 268 -47.06 25.57 -6.21
N CYS A 269 -46.67 26.77 -6.60
CA CYS A 269 -47.14 27.97 -5.90
C CYS A 269 -47.83 28.96 -6.82
N PHE A 270 -47.96 28.61 -8.11
CA PHE A 270 -48.60 29.50 -9.07
C PHE A 270 -49.21 28.75 -10.27
N SER A 271 -50.43 28.22 -10.11
CA SER A 271 -51.12 27.49 -11.17
C SER A 271 -52.66 27.52 -11.08
N ARG B 8 10.42 1.15 12.08
CA ARG B 8 10.05 -0.30 12.09
C ARG B 8 10.55 -0.97 13.37
N GLY B 9 9.64 -1.45 14.21
CA GLY B 9 10.00 -2.12 15.47
C GLY B 9 11.18 -3.08 15.30
N GLU B 10 11.27 -3.69 14.12
CA GLU B 10 12.34 -4.62 13.81
C GLU B 10 13.71 -4.02 14.10
N VAL B 11 13.93 -2.79 13.63
CA VAL B 11 15.20 -2.13 13.87
C VAL B 11 15.55 -2.19 15.35
N GLU B 12 14.54 -2.01 16.20
CA GLU B 12 14.77 -2.07 17.63
C GLU B 12 14.95 -3.53 18.00
N GLN B 13 13.98 -4.34 17.61
CA GLN B 13 13.99 -5.77 17.89
C GLN B 13 15.33 -6.45 17.66
N MET B 14 16.04 -6.08 16.59
CA MET B 14 17.34 -6.71 16.31
C MET B 14 18.47 -5.96 17.02
N LYS B 15 18.25 -4.69 17.27
CA LYS B 15 19.22 -3.90 17.99
C LYS B 15 19.17 -4.39 19.42
N SER B 16 18.12 -5.20 19.66
CA SER B 16 17.84 -5.83 20.95
C SER B 16 18.51 -7.20 21.02
N CYS B 17 18.62 -7.84 19.87
CA CYS B 17 19.24 -9.16 19.77
C CYS B 17 20.75 -8.96 19.76
N LEU B 18 21.21 -7.93 19.07
CA LEU B 18 22.63 -7.64 18.99
C LEU B 18 23.20 -7.40 20.38
N ARG B 19 22.32 -7.03 21.31
CA ARG B 19 22.72 -6.78 22.70
C ARG B 19 22.98 -8.11 23.39
N VAL B 20 21.97 -8.96 23.41
CA VAL B 20 22.10 -10.26 24.05
C VAL B 20 23.34 -10.96 23.51
N LEU B 21 23.69 -10.69 22.26
CA LEU B 21 24.84 -11.31 21.63
C LEU B 21 26.16 -10.62 21.92
N SER B 22 26.18 -9.29 21.88
CA SER B 22 27.40 -8.53 22.15
C SER B 22 27.75 -8.56 23.63
N GLN B 23 26.97 -9.30 24.40
CA GLN B 23 27.22 -9.41 25.83
C GLN B 23 28.11 -10.63 26.07
N PRO B 24 29.14 -10.46 26.91
CA PRO B 24 30.08 -11.55 27.24
C PRO B 24 29.47 -12.66 28.10
N MET B 25 30.04 -13.86 27.97
CA MET B 25 29.58 -15.03 28.71
C MET B 25 29.57 -14.70 30.20
N PRO B 26 28.74 -15.41 31.00
CA PRO B 26 28.66 -15.18 32.45
C PRO B 26 29.99 -15.40 33.15
N PRO B 27 30.45 -14.43 33.95
CA PRO B 27 31.73 -14.54 34.66
C PRO B 27 32.10 -15.97 35.04
N THR B 28 31.25 -16.62 35.82
CA THR B 28 31.47 -18.00 36.24
C THR B 28 30.15 -18.67 36.56
N ALA B 29 29.34 -18.88 35.53
CA ALA B 29 28.02 -19.52 35.68
C ALA B 29 28.15 -21.03 35.79
N GLY B 30 27.05 -21.69 36.13
CA GLY B 30 27.05 -23.14 36.28
C GLY B 30 26.18 -23.87 35.28
N GLU B 31 26.25 -25.20 35.33
CA GLU B 31 25.49 -26.06 34.42
C GLU B 31 24.09 -25.53 34.10
N ALA B 32 23.43 -24.92 35.07
CA ALA B 32 22.09 -24.39 34.84
C ALA B 32 22.11 -22.96 34.33
N GLU B 33 22.77 -22.09 35.10
CA GLU B 33 22.86 -20.68 34.73
C GLU B 33 23.55 -20.52 33.38
N GLN B 34 24.66 -21.23 33.22
CA GLN B 34 25.43 -21.18 31.98
C GLN B 34 24.62 -21.78 30.84
N ALA B 35 23.74 -22.72 31.18
CA ALA B 35 22.89 -23.38 30.18
C ALA B 35 22.05 -22.37 29.41
N ALA B 36 21.22 -21.62 30.11
CA ALA B 36 20.36 -20.62 29.50
C ALA B 36 21.10 -19.64 28.59
N ASP B 37 22.04 -18.89 29.16
CA ASP B 37 22.81 -17.88 28.42
C ASP B 37 23.02 -18.18 26.94
N GLN B 38 23.38 -19.42 26.63
CA GLN B 38 23.60 -19.80 25.24
C GLN B 38 22.30 -19.81 24.46
N GLN B 39 21.32 -20.53 24.99
CA GLN B 39 20.02 -20.64 24.35
C GLN B 39 19.54 -19.28 23.88
N GLU B 40 19.58 -18.29 24.77
CA GLU B 40 19.17 -16.94 24.43
C GLU B 40 19.95 -16.39 23.25
N ARG B 41 21.23 -16.75 23.18
CA ARG B 41 22.11 -16.31 22.11
C ARG B 41 21.61 -16.97 20.84
N GLU B 42 21.05 -18.15 21.01
CA GLU B 42 20.50 -18.94 19.90
C GLU B 42 19.20 -18.30 19.41
N GLY B 43 18.40 -17.80 20.36
CA GLY B 43 17.17 -17.13 19.98
C GLY B 43 17.54 -15.89 19.20
N ALA B 44 18.40 -15.07 19.80
CA ALA B 44 18.86 -13.84 19.16
C ALA B 44 19.38 -14.15 17.77
N LEU B 45 20.22 -15.16 17.68
CA LEU B 45 20.79 -15.55 16.40
C LEU B 45 19.68 -16.01 15.47
N GLU B 46 18.70 -16.73 16.02
CA GLU B 46 17.58 -17.22 15.22
C GLU B 46 16.70 -16.06 14.79
N LEU B 47 15.98 -15.45 15.72
CA LEU B 47 15.12 -14.31 15.39
C LEU B 47 15.83 -13.39 14.40
N LEU B 48 17.06 -13.04 14.71
CA LEU B 48 17.86 -12.17 13.85
C LEU B 48 17.85 -12.63 12.39
N ALA B 49 18.06 -13.92 12.16
CA ALA B 49 18.07 -14.47 10.81
C ALA B 49 16.76 -14.17 10.07
N ASP B 50 15.63 -14.33 10.78
CA ASP B 50 14.32 -14.06 10.17
C ASP B 50 14.26 -12.61 9.69
N LEU B 51 14.58 -11.70 10.60
CA LEU B 51 14.56 -10.29 10.27
C LEU B 51 15.43 -10.02 9.06
N CYS B 52 16.59 -10.67 9.02
CA CYS B 52 17.51 -10.45 7.92
C CYS B 52 17.12 -11.06 6.57
N GLU B 53 16.07 -11.87 6.57
CA GLU B 53 15.58 -12.49 5.34
C GLU B 53 15.23 -11.32 4.37
N ASN B 54 15.04 -10.15 4.97
CA ASN B 54 14.69 -8.92 4.27
C ASN B 54 15.96 -8.09 4.08
N MET B 55 16.34 -7.84 2.83
CA MET B 55 17.55 -7.05 2.54
C MET B 55 17.66 -5.82 3.42
N ASP B 56 16.56 -5.07 3.49
CA ASP B 56 16.50 -3.86 4.31
C ASP B 56 17.08 -4.10 5.70
N ASN B 57 16.40 -4.92 6.49
CA ASN B 57 16.85 -5.22 7.84
C ASN B 57 18.30 -5.73 7.89
N ALA B 58 18.67 -6.56 6.90
CA ALA B 58 20.01 -7.12 6.82
C ALA B 58 21.05 -6.02 6.60
N ALA B 59 20.70 -5.02 5.77
CA ALA B 59 21.59 -3.89 5.53
C ALA B 59 21.82 -3.26 6.88
N ASP B 60 20.72 -3.00 7.58
CA ASP B 60 20.72 -2.41 8.92
C ASP B 60 21.65 -3.20 9.84
N PHE B 61 21.54 -4.53 9.77
CA PHE B 61 22.34 -5.44 10.58
C PHE B 61 23.84 -5.16 10.46
N CYS B 62 24.28 -4.81 9.25
CA CYS B 62 25.69 -4.51 8.99
C CYS B 62 26.10 -3.16 9.58
N GLN B 63 25.11 -2.28 9.76
CA GLN B 63 25.36 -0.98 10.34
C GLN B 63 25.81 -1.20 11.75
N LEU B 64 24.97 -1.84 12.55
CA LEU B 64 25.31 -2.13 13.94
C LEU B 64 26.47 -3.14 13.98
N SER B 65 27.21 -3.20 12.88
CA SER B 65 28.35 -4.10 12.71
C SER B 65 28.12 -5.51 13.27
N GLY B 66 27.17 -6.22 12.65
CA GLY B 66 26.86 -7.57 13.08
C GLY B 66 27.81 -8.56 12.47
N MET B 67 28.00 -8.48 11.16
CA MET B 67 28.93 -9.39 10.49
C MET B 67 30.25 -9.38 11.24
N HIS B 68 30.63 -8.20 11.69
CA HIS B 68 31.87 -8.04 12.42
C HIS B 68 31.85 -8.91 13.69
N LEU B 69 30.79 -8.81 14.48
CA LEU B 69 30.67 -9.61 15.71
C LEU B 69 30.52 -11.09 15.38
N LEU B 70 29.75 -11.38 14.35
CA LEU B 70 29.48 -12.75 13.89
C LEU B 70 30.75 -13.43 13.37
N VAL B 71 31.32 -12.88 12.30
CA VAL B 71 32.54 -13.43 11.71
C VAL B 71 33.55 -13.59 12.86
N GLY B 72 33.49 -12.69 13.83
CA GLY B 72 34.37 -12.73 14.97
C GLY B 72 33.98 -13.77 16.02
N ARG B 73 33.59 -13.32 17.20
CA ARG B 73 33.24 -14.19 18.33
C ARG B 73 32.28 -15.39 18.02
N TYR B 74 31.36 -15.25 17.07
CA TYR B 74 30.39 -16.35 16.89
C TYR B 74 30.73 -17.38 15.77
N LEU B 75 30.95 -16.97 14.53
CA LEU B 75 31.21 -17.95 13.47
C LEU B 75 32.06 -19.14 13.88
N GLU B 76 32.86 -18.97 14.93
CA GLU B 76 33.69 -20.04 15.43
C GLU B 76 33.68 -19.97 16.95
N ALA B 77 32.84 -20.82 17.55
CA ALA B 77 32.70 -20.89 18.99
C ALA B 77 32.75 -22.34 19.47
N GLY B 78 32.77 -22.54 20.78
CA GLY B 78 32.82 -23.87 21.34
C GLY B 78 31.48 -24.55 21.23
N ALA B 79 30.46 -23.74 21.02
CA ALA B 79 29.11 -24.22 20.87
C ALA B 79 28.78 -24.42 19.41
N ALA B 80 28.46 -25.66 19.05
CA ALA B 80 28.10 -25.96 17.67
C ALA B 80 26.82 -25.19 17.37
N GLY B 81 25.90 -25.25 18.32
CA GLY B 81 24.61 -24.57 18.20
C GLY B 81 24.70 -23.12 17.77
N LEU B 82 25.69 -22.39 18.28
CA LEU B 82 25.85 -20.99 17.91
C LEU B 82 26.69 -20.93 16.65
N ARG B 83 27.43 -22.01 16.39
CA ARG B 83 28.29 -22.06 15.23
C ARG B 83 27.49 -22.00 13.93
N TRP B 84 26.54 -22.92 13.78
CA TRP B 84 25.71 -22.95 12.57
C TRP B 84 24.63 -21.87 12.53
N ARG B 85 23.99 -21.61 13.67
CA ARG B 85 22.96 -20.57 13.72
C ARG B 85 23.63 -19.26 13.27
N ALA B 86 24.94 -19.19 13.47
CA ALA B 86 25.78 -18.03 13.08
C ALA B 86 26.02 -18.02 11.57
N ALA B 87 26.54 -19.13 11.08
CA ALA B 87 26.82 -19.28 9.68
C ALA B 87 25.56 -18.97 8.86
N GLN B 88 24.43 -19.53 9.29
CA GLN B 88 23.17 -19.32 8.60
C GLN B 88 22.81 -17.84 8.51
N LEU B 89 23.04 -17.11 9.59
CA LEU B 89 22.76 -15.69 9.59
C LEU B 89 23.69 -15.02 8.59
N ILE B 90 24.93 -15.50 8.50
CA ILE B 90 25.87 -14.90 7.55
C ILE B 90 25.42 -15.06 6.09
N GLY B 91 24.86 -16.21 5.77
CA GLY B 91 24.40 -16.47 4.42
C GLY B 91 23.02 -15.91 4.14
N THR B 92 22.15 -15.89 5.16
CA THR B 92 20.82 -15.35 4.95
C THR B 92 20.97 -13.89 4.51
N CYS B 93 21.77 -13.13 5.27
CA CYS B 93 22.00 -11.73 4.99
C CYS B 93 22.72 -11.47 3.70
N SER B 94 23.61 -12.40 3.32
CA SER B 94 24.41 -12.25 2.13
C SER B 94 23.71 -12.53 0.79
N GLN B 95 22.98 -13.65 0.65
CA GLN B 95 22.37 -14.11 -0.62
C GLN B 95 21.93 -13.03 -1.62
N ASN B 96 22.56 -13.04 -2.78
CA ASN B 96 22.29 -12.11 -3.88
C ASN B 96 22.30 -10.61 -3.55
N VAL B 97 23.07 -10.24 -2.53
CA VAL B 97 23.18 -8.85 -2.14
C VAL B 97 24.66 -8.47 -2.16
N ALA B 98 25.15 -8.19 -3.38
CA ALA B 98 26.55 -7.83 -3.64
C ALA B 98 27.22 -7.01 -2.53
N ALA B 99 26.52 -5.98 -2.07
CA ALA B 99 27.03 -5.10 -1.04
C ALA B 99 27.28 -5.80 0.29
N ILE B 100 26.40 -6.70 0.68
CA ILE B 100 26.59 -7.43 1.92
C ILE B 100 27.61 -8.54 1.65
N GLN B 101 27.58 -9.10 0.46
CA GLN B 101 28.53 -10.12 0.12
C GLN B 101 29.94 -9.57 0.31
N GLU B 102 30.20 -8.39 -0.24
CA GLU B 102 31.51 -7.70 -0.21
C GLU B 102 32.07 -7.40 1.20
N GLN B 103 31.23 -6.92 2.11
CA GLN B 103 31.66 -6.59 3.48
C GLN B 103 32.02 -7.82 4.30
N VAL B 104 31.29 -8.90 4.06
CA VAL B 104 31.50 -10.18 4.75
C VAL B 104 32.81 -10.79 4.27
N LEU B 105 33.05 -10.72 2.97
CA LEU B 105 34.29 -11.24 2.41
C LEU B 105 35.43 -10.41 3.03
N GLY B 106 35.20 -9.10 3.10
CA GLY B 106 36.17 -8.19 3.67
C GLY B 106 36.28 -8.31 5.18
N LEU B 107 36.09 -9.52 5.69
CA LEU B 107 36.19 -9.76 7.12
C LEU B 107 36.85 -11.11 7.35
N GLY B 108 37.08 -11.83 6.24
CA GLY B 108 37.73 -13.12 6.33
C GLY B 108 36.81 -14.26 6.73
N ALA B 109 35.59 -14.24 6.20
CA ALA B 109 34.61 -15.27 6.49
C ALA B 109 34.86 -16.45 5.57
N LEU B 110 34.95 -16.20 4.26
CA LEU B 110 35.18 -17.28 3.30
C LEU B 110 36.27 -18.21 3.85
N ARG B 111 37.05 -17.67 4.77
CA ARG B 111 38.14 -18.39 5.43
C ARG B 111 37.59 -19.45 6.37
N LYS B 112 37.12 -18.99 7.53
CA LYS B 112 36.58 -19.88 8.56
C LYS B 112 35.42 -20.76 8.08
N LEU B 113 34.68 -20.32 7.07
CA LEU B 113 33.56 -21.11 6.55
C LEU B 113 34.12 -22.35 5.88
N LEU B 114 34.97 -22.14 4.86
CA LEU B 114 35.60 -23.23 4.13
C LEU B 114 36.22 -24.22 5.10
N ARG B 115 36.80 -23.69 6.16
CA ARG B 115 37.45 -24.50 7.18
C ARG B 115 36.47 -25.34 7.99
N LEU B 116 35.38 -24.73 8.45
CA LEU B 116 34.34 -25.44 9.22
C LEU B 116 33.73 -26.53 8.34
N LEU B 117 33.65 -26.25 7.04
CA LEU B 117 33.09 -27.17 6.08
C LEU B 117 33.78 -28.53 6.20
N ASP B 118 35.06 -28.50 6.58
CA ASP B 118 35.88 -29.71 6.73
C ASP B 118 36.26 -30.11 8.16
N ARG B 119 36.87 -29.20 8.91
CA ARG B 119 37.30 -29.49 10.28
C ARG B 119 36.17 -29.77 11.28
N ASP B 120 35.21 -28.85 11.37
CA ASP B 120 34.10 -28.99 12.33
C ASP B 120 33.59 -30.41 12.40
N ALA B 121 33.31 -30.87 13.62
CA ALA B 121 32.80 -32.23 13.85
C ALA B 121 31.28 -32.28 14.05
N CYS B 122 30.59 -31.27 13.50
CA CYS B 122 29.15 -31.14 13.58
C CYS B 122 28.64 -30.96 12.13
N ASP B 123 27.83 -31.89 11.65
CA ASP B 123 27.35 -31.81 10.27
C ASP B 123 26.51 -30.58 9.94
N THR B 124 25.65 -30.21 10.87
CA THR B 124 24.80 -29.06 10.64
C THR B 124 25.68 -27.88 10.31
N VAL B 125 26.75 -27.72 11.10
CA VAL B 125 27.69 -26.63 10.90
C VAL B 125 28.33 -26.68 9.53
N ARG B 126 28.66 -27.87 9.05
CA ARG B 126 29.28 -27.96 7.74
C ARG B 126 28.27 -27.58 6.67
N VAL B 127 27.01 -27.91 6.92
CA VAL B 127 25.96 -27.61 5.95
C VAL B 127 25.67 -26.11 5.89
N LYS B 128 25.53 -25.50 7.07
CA LYS B 128 25.28 -24.08 7.11
C LYS B 128 26.50 -23.34 6.56
N ALA B 129 27.69 -23.83 6.90
CA ALA B 129 28.91 -23.23 6.41
C ALA B 129 28.88 -23.20 4.87
N LEU B 130 28.55 -24.33 4.26
CA LEU B 130 28.49 -24.39 2.80
C LEU B 130 27.40 -23.47 2.30
N PHE B 131 26.39 -23.27 3.15
CA PHE B 131 25.27 -22.38 2.84
C PHE B 131 25.81 -20.99 2.62
N ALA B 132 26.48 -20.47 3.65
CA ALA B 132 27.09 -19.14 3.64
C ALA B 132 28.02 -19.03 2.44
N ILE B 133 28.90 -20.01 2.32
CA ILE B 133 29.81 -20.04 1.19
C ILE B 133 29.00 -19.90 -0.09
N SER B 134 27.93 -20.66 -0.19
CA SER B 134 27.08 -20.60 -1.36
C SER B 134 26.60 -19.17 -1.64
N CYS B 135 25.90 -18.59 -0.66
CA CYS B 135 25.35 -17.23 -0.77
C CYS B 135 26.41 -16.18 -1.12
N LEU B 136 27.61 -16.38 -0.58
CA LEU B 136 28.74 -15.47 -0.77
C LEU B 136 29.49 -15.56 -2.08
N VAL B 137 29.14 -16.47 -2.98
CA VAL B 137 29.93 -16.56 -4.19
C VAL B 137 29.20 -16.77 -5.51
N ARG B 138 27.89 -16.59 -5.52
CA ARG B 138 27.15 -16.77 -6.77
C ARG B 138 26.89 -15.42 -7.40
N GLU B 139 26.89 -15.38 -8.74
CA GLU B 139 26.68 -14.11 -9.44
C GLU B 139 27.51 -13.06 -8.71
N GLN B 140 28.59 -13.49 -8.06
CA GLN B 140 29.50 -12.65 -7.30
C GLN B 140 30.94 -12.98 -7.71
N GLU B 141 31.57 -12.09 -8.48
CA GLU B 141 32.93 -12.32 -8.94
C GLU B 141 34.01 -12.28 -7.87
N ALA B 142 34.00 -11.26 -7.03
CA ALA B 142 34.99 -11.09 -5.97
C ALA B 142 35.15 -12.32 -5.08
N GLY B 143 34.03 -12.86 -4.63
CA GLY B 143 34.04 -14.03 -3.76
C GLY B 143 34.40 -15.32 -4.47
N LEU B 144 34.02 -15.43 -5.74
CA LEU B 144 34.33 -16.63 -6.54
C LEU B 144 35.83 -16.74 -6.63
N LEU B 145 36.47 -15.68 -7.11
CA LEU B 145 37.92 -15.65 -7.21
C LEU B 145 38.46 -16.15 -5.89
N GLN B 146 38.26 -15.35 -4.84
CA GLN B 146 38.71 -15.66 -3.50
C GLN B 146 38.46 -17.11 -3.07
N PHE B 147 37.51 -17.76 -3.74
CA PHE B 147 37.13 -19.15 -3.47
C PHE B 147 38.12 -20.12 -4.13
N LEU B 148 38.22 -20.06 -5.45
CA LEU B 148 39.14 -20.91 -6.21
C LEU B 148 40.51 -20.80 -5.56
N ARG B 149 40.97 -19.56 -5.46
CA ARG B 149 42.26 -19.25 -4.87
C ARG B 149 42.42 -19.86 -3.48
N LEU B 150 41.32 -20.10 -2.78
CA LEU B 150 41.41 -20.70 -1.45
C LEU B 150 41.18 -22.23 -1.50
N ASP B 151 41.24 -22.78 -2.71
CA ASP B 151 41.06 -24.21 -3.00
C ASP B 151 39.59 -24.59 -2.86
N GLY B 152 38.76 -23.93 -3.63
CA GLY B 152 37.33 -24.18 -3.56
C GLY B 152 36.86 -25.47 -4.16
N PHE B 153 37.01 -25.60 -5.48
CA PHE B 153 36.57 -26.80 -6.15
C PHE B 153 37.05 -28.05 -5.42
N SER B 154 38.19 -27.95 -4.76
CA SER B 154 38.72 -29.11 -4.03
C SER B 154 37.84 -29.44 -2.83
N VAL B 155 37.70 -28.48 -1.91
CA VAL B 155 36.89 -28.67 -0.71
C VAL B 155 35.47 -29.13 -1.07
N LEU B 156 34.97 -28.59 -2.17
CA LEU B 156 33.63 -28.92 -2.68
C LEU B 156 33.48 -30.40 -3.00
N MET B 157 34.44 -30.94 -3.74
CA MET B 157 34.38 -32.36 -4.11
C MET B 157 34.65 -33.21 -2.87
N ARG B 158 35.29 -32.61 -1.87
CA ARG B 158 35.59 -33.30 -0.61
C ARG B 158 34.30 -33.40 0.20
N ALA B 159 33.36 -32.52 -0.14
CA ALA B 159 32.06 -32.47 0.52
C ALA B 159 31.08 -33.49 -0.07
N MET B 160 31.02 -33.62 -1.40
CA MET B 160 30.12 -34.56 -2.04
C MET B 160 30.43 -35.99 -1.60
N GLN B 161 31.67 -36.23 -1.18
CA GLN B 161 32.13 -37.54 -0.74
C GLN B 161 31.84 -37.80 0.73
N GLN B 162 31.08 -36.92 1.37
CA GLN B 162 30.74 -37.07 2.79
C GLN B 162 29.49 -37.90 3.02
N GLN B 163 29.39 -38.47 4.22
CA GLN B 163 28.21 -39.24 4.61
C GLN B 163 27.23 -38.22 5.19
N VAL B 164 26.89 -37.24 4.35
CA VAL B 164 25.99 -36.15 4.70
C VAL B 164 25.16 -35.75 3.48
N GLN B 165 23.92 -36.23 3.44
CA GLN B 165 23.02 -35.98 2.33
C GLN B 165 22.91 -34.53 1.90
N LYS B 166 22.85 -33.63 2.88
CA LYS B 166 22.73 -32.21 2.58
C LYS B 166 23.99 -31.64 1.92
N LEU B 167 25.17 -31.99 2.43
CA LEU B 167 26.40 -31.50 1.83
C LEU B 167 26.44 -31.92 0.38
N LYS B 168 25.82 -33.05 0.07
CA LYS B 168 25.77 -33.57 -1.31
C LYS B 168 24.90 -32.70 -2.21
N VAL B 169 23.62 -32.58 -1.84
CA VAL B 169 22.68 -31.80 -2.63
C VAL B 169 23.13 -30.36 -2.83
N LYS B 170 23.64 -29.74 -1.77
CA LYS B 170 24.08 -28.35 -1.85
C LYS B 170 25.26 -28.13 -2.77
N SER B 171 26.24 -29.02 -2.70
CA SER B 171 27.43 -28.91 -3.53
C SER B 171 27.04 -29.04 -4.99
N ALA B 172 26.07 -29.90 -5.23
CA ALA B 172 25.58 -30.14 -6.58
C ALA B 172 24.84 -28.90 -7.09
N PHE B 173 24.24 -28.16 -6.17
CA PHE B 173 23.50 -26.95 -6.54
C PHE B 173 24.46 -25.80 -6.83
N LEU B 174 25.42 -25.60 -5.93
CA LEU B 174 26.39 -24.53 -6.12
C LEU B 174 27.13 -24.77 -7.42
N LEU B 175 27.74 -25.94 -7.52
CA LEU B 175 28.51 -26.32 -8.70
C LEU B 175 27.71 -26.02 -9.97
N GLN B 176 26.41 -26.31 -9.96
CA GLN B 176 25.62 -26.07 -11.15
C GLN B 176 25.55 -24.59 -11.50
N ASN B 177 25.26 -23.74 -10.52
CA ASN B 177 25.17 -22.29 -10.74
C ASN B 177 26.52 -21.71 -11.16
N LEU B 178 27.61 -22.29 -10.64
CA LEU B 178 28.94 -21.85 -10.99
C LEU B 178 29.19 -22.13 -12.46
N LEU B 179 29.17 -23.41 -12.83
CA LEU B 179 29.37 -23.83 -14.22
C LEU B 179 28.46 -23.10 -15.20
N VAL B 180 27.46 -22.39 -14.69
CA VAL B 180 26.56 -21.68 -15.59
C VAL B 180 27.29 -20.47 -16.15
N GLY B 181 27.75 -19.62 -15.23
CA GLY B 181 28.46 -18.42 -15.66
C GLY B 181 29.95 -18.52 -15.73
N HIS B 182 30.49 -19.72 -15.83
CA HIS B 182 31.94 -19.92 -15.90
C HIS B 182 32.38 -21.17 -16.66
N PRO B 183 31.96 -21.30 -17.93
CA PRO B 183 32.32 -22.48 -18.74
C PRO B 183 33.83 -22.73 -18.84
N GLU B 184 34.62 -21.79 -18.32
CA GLU B 184 36.07 -21.91 -18.37
C GLU B 184 36.64 -23.02 -17.49
N HIS B 185 36.02 -23.23 -16.33
CA HIS B 185 36.49 -24.25 -15.39
C HIS B 185 36.14 -25.68 -15.76
N LYS B 186 35.24 -25.85 -16.74
CA LYS B 186 34.84 -27.19 -17.15
C LYS B 186 36.03 -28.16 -17.12
N GLY B 187 37.15 -27.73 -17.70
CA GLY B 187 38.34 -28.57 -17.71
C GLY B 187 38.93 -28.82 -16.32
N THR B 188 39.50 -27.79 -15.71
CA THR B 188 40.11 -27.93 -14.40
C THR B 188 39.29 -28.77 -13.42
N LEU B 189 38.02 -28.98 -13.73
CA LEU B 189 37.15 -29.79 -12.89
C LEU B 189 37.26 -31.27 -13.28
N CYS B 190 37.24 -31.55 -14.58
CA CYS B 190 37.35 -32.94 -15.07
C CYS B 190 38.72 -33.50 -14.67
N SER B 191 39.77 -32.75 -14.99
CA SER B 191 41.15 -33.14 -14.65
C SER B 191 41.29 -33.28 -13.15
N MET B 192 40.21 -32.99 -12.44
CA MET B 192 40.19 -33.07 -11.00
C MET B 192 39.39 -34.32 -10.62
N GLY B 193 38.63 -34.84 -11.57
CA GLY B 193 37.81 -36.01 -11.33
C GLY B 193 36.43 -35.68 -10.81
N MET B 194 35.92 -34.50 -11.14
CA MET B 194 34.60 -34.08 -10.69
C MET B 194 33.53 -34.64 -11.61
N VAL B 195 33.95 -35.28 -12.69
CA VAL B 195 32.98 -35.85 -13.61
C VAL B 195 32.58 -37.24 -13.14
N GLN B 196 33.46 -37.87 -12.37
CA GLN B 196 33.18 -39.20 -11.84
C GLN B 196 32.34 -39.02 -10.58
N GLN B 197 32.90 -38.25 -9.64
CA GLN B 197 32.27 -37.95 -8.37
C GLN B 197 30.78 -37.62 -8.52
N LEU B 198 30.44 -37.00 -9.65
CA LEU B 198 29.07 -36.60 -9.95
C LEU B 198 28.16 -37.77 -10.23
N VAL B 199 28.64 -38.68 -11.08
CA VAL B 199 27.85 -39.85 -11.44
C VAL B 199 27.67 -40.73 -10.21
N ALA B 200 28.60 -40.60 -9.26
CA ALA B 200 28.51 -41.36 -8.03
C ALA B 200 27.22 -40.96 -7.31
N LEU B 201 27.01 -39.65 -7.19
CA LEU B 201 25.84 -39.10 -6.54
C LEU B 201 24.59 -39.53 -7.29
N VAL B 202 24.70 -39.60 -8.62
CA VAL B 202 23.58 -40.01 -9.45
C VAL B 202 23.13 -41.43 -9.16
N ARG B 203 23.96 -42.21 -8.48
CA ARG B 203 23.63 -43.60 -8.14
C ARG B 203 23.01 -43.80 -6.75
N THR B 204 22.77 -42.71 -6.04
CA THR B 204 22.16 -42.78 -4.73
C THR B 204 20.65 -42.77 -4.99
N GLU B 205 19.84 -43.03 -3.96
CA GLU B 205 18.38 -43.03 -4.10
C GLU B 205 17.93 -41.75 -4.82
N HIS B 206 17.07 -41.89 -5.83
CA HIS B 206 16.63 -40.72 -6.57
C HIS B 206 15.89 -39.72 -5.70
N SER B 207 16.26 -38.45 -5.86
CA SER B 207 15.66 -37.38 -5.10
C SER B 207 15.82 -36.10 -5.87
N PRO B 208 15.05 -35.06 -5.53
CA PRO B 208 15.12 -33.78 -6.22
C PRO B 208 16.49 -33.12 -6.40
N PHE B 209 17.52 -33.56 -5.65
CA PHE B 209 18.84 -32.94 -5.80
C PHE B 209 19.61 -33.49 -6.99
N HIS B 210 18.99 -34.42 -7.71
CA HIS B 210 19.60 -35.04 -8.88
C HIS B 210 19.50 -34.15 -10.10
N GLU B 211 18.58 -33.19 -10.06
CA GLU B 211 18.40 -32.26 -11.16
C GLU B 211 19.66 -31.45 -11.35
N HIS B 212 20.26 -31.05 -10.24
CA HIS B 212 21.47 -30.24 -10.26
C HIS B 212 22.67 -31.08 -10.66
N VAL B 213 22.82 -32.26 -10.04
CA VAL B 213 23.94 -33.15 -10.37
C VAL B 213 24.04 -33.35 -11.88
N LEU B 214 22.92 -33.69 -12.50
CA LEU B 214 22.85 -33.89 -13.96
C LEU B 214 22.86 -32.57 -14.74
N GLY B 215 22.62 -31.48 -14.03
CA GLY B 215 22.62 -30.18 -14.67
C GLY B 215 24.06 -29.77 -14.82
N ALA B 216 24.83 -30.03 -13.77
CA ALA B 216 26.25 -29.72 -13.77
C ALA B 216 26.88 -30.66 -14.79
N LEU B 217 26.58 -31.95 -14.64
CA LEU B 217 27.11 -32.99 -15.52
C LEU B 217 26.69 -32.84 -16.99
N CYS B 218 26.14 -31.69 -17.33
CA CYS B 218 25.71 -31.45 -18.70
C CYS B 218 26.33 -30.15 -19.18
N SER B 219 27.05 -29.48 -18.28
CA SER B 219 27.75 -28.24 -18.59
C SER B 219 29.19 -28.60 -18.88
N LEU B 220 29.61 -29.75 -18.37
CA LEU B 220 30.96 -30.26 -18.56
C LEU B 220 31.02 -31.04 -19.89
N VAL B 221 29.87 -31.23 -20.51
CA VAL B 221 29.77 -31.97 -21.77
C VAL B 221 29.33 -31.10 -22.94
N THR B 222 28.74 -29.94 -22.64
CA THR B 222 28.29 -29.02 -23.67
C THR B 222 29.47 -28.24 -24.23
N ASP B 223 29.67 -28.35 -25.55
CA ASP B 223 30.76 -27.67 -26.23
C ASP B 223 32.06 -27.80 -25.43
N PHE B 224 32.49 -29.03 -25.24
CA PHE B 224 33.72 -29.31 -24.49
C PHE B 224 33.95 -30.82 -24.52
N PRO B 225 34.55 -31.32 -25.61
CA PRO B 225 34.83 -32.76 -25.75
C PRO B 225 35.71 -33.41 -24.69
N GLN B 226 36.41 -32.62 -23.88
CA GLN B 226 37.23 -33.22 -22.83
C GLN B 226 36.30 -33.89 -21.83
N GLY B 227 35.08 -33.36 -21.73
CA GLY B 227 34.09 -33.94 -20.83
C GLY B 227 33.47 -35.15 -21.48
N VAL B 228 32.98 -34.98 -22.71
CA VAL B 228 32.34 -36.07 -23.45
C VAL B 228 33.18 -37.35 -23.38
N ARG B 229 34.48 -37.17 -23.21
CA ARG B 229 35.41 -38.29 -23.10
C ARG B 229 35.28 -38.91 -21.71
N GLU B 230 35.46 -38.09 -20.68
CA GLU B 230 35.37 -38.55 -19.31
C GLU B 230 34.06 -39.32 -19.05
N CYS B 231 33.02 -38.97 -19.82
CA CYS B 231 31.71 -39.61 -19.70
C CYS B 231 31.56 -40.84 -20.60
N ARG B 232 32.42 -40.92 -21.60
CA ARG B 232 32.39 -42.05 -22.53
C ARG B 232 33.04 -43.26 -21.87
N GLU B 233 33.78 -43.03 -20.79
CA GLU B 233 34.45 -44.11 -20.06
C GLU B 233 33.49 -45.28 -19.84
N PRO B 234 33.75 -46.42 -20.52
CA PRO B 234 32.91 -47.61 -20.40
C PRO B 234 32.69 -48.01 -18.95
N GLU B 235 33.67 -47.69 -18.11
CA GLU B 235 33.61 -48.03 -16.69
C GLU B 235 32.46 -47.36 -15.95
N LEU B 236 32.17 -46.11 -16.30
CA LEU B 236 31.09 -45.35 -15.67
C LEU B 236 29.70 -45.92 -15.91
N GLY B 237 29.54 -46.66 -17.01
CA GLY B 237 28.25 -47.26 -17.32
C GLY B 237 27.17 -46.22 -17.40
N LEU B 238 27.58 -45.00 -17.70
CA LEU B 238 26.68 -43.86 -17.82
C LEU B 238 25.53 -44.15 -18.76
N GLU B 239 25.84 -44.50 -20.00
CA GLU B 239 24.82 -44.79 -21.02
C GLU B 239 23.71 -45.67 -20.49
N GLU B 240 24.09 -46.81 -19.92
CA GLU B 240 23.13 -47.75 -19.36
C GLU B 240 22.32 -47.07 -18.26
N LEU B 241 23.02 -46.28 -17.44
CA LEU B 241 22.42 -45.55 -16.32
C LEU B 241 21.46 -44.45 -16.79
N LEU B 242 21.98 -43.54 -17.60
CA LEU B 242 21.20 -42.42 -18.10
C LEU B 242 19.89 -42.86 -18.74
N ARG B 243 19.97 -43.86 -19.61
CA ARG B 243 18.80 -44.38 -20.32
C ARG B 243 17.83 -45.08 -19.37
N HIS B 244 18.38 -45.55 -18.26
CA HIS B 244 17.57 -46.24 -17.25
C HIS B 244 16.72 -45.19 -16.53
N ARG B 245 17.37 -44.12 -16.06
CA ARG B 245 16.69 -43.03 -15.35
C ARG B 245 15.70 -42.35 -16.29
N CYS B 246 16.06 -42.32 -17.57
CA CYS B 246 15.25 -41.71 -18.60
C CYS B 246 13.87 -42.36 -18.61
N GLN B 247 13.75 -43.49 -17.92
CA GLN B 247 12.47 -44.19 -17.84
C GLN B 247 11.81 -43.87 -16.51
N LEU B 248 12.60 -43.95 -15.45
CA LEU B 248 12.10 -43.69 -14.10
C LEU B 248 11.27 -42.42 -14.08
N LEU B 249 11.84 -41.34 -14.59
CA LEU B 249 11.18 -40.04 -14.61
C LEU B 249 10.50 -39.69 -15.92
N GLN B 250 9.48 -40.46 -16.30
CA GLN B 250 8.76 -40.19 -17.53
C GLN B 250 7.56 -39.30 -17.31
N GLN B 251 6.41 -39.90 -17.01
CA GLN B 251 5.19 -39.13 -16.80
C GLN B 251 5.28 -38.16 -15.60
N HIS B 252 6.45 -38.11 -14.98
CA HIS B 252 6.67 -37.25 -13.82
C HIS B 252 7.14 -35.85 -14.22
N GLU B 253 6.36 -34.86 -13.81
CA GLU B 253 6.65 -33.47 -14.09
C GLU B 253 7.71 -32.94 -13.15
N GLU B 254 7.55 -33.26 -11.87
CA GLU B 254 8.47 -32.82 -10.83
C GLU B 254 9.93 -33.08 -11.17
N TYR B 255 10.17 -33.85 -12.22
CA TYR B 255 11.52 -34.16 -12.63
C TYR B 255 11.71 -33.73 -14.07
N GLN B 256 10.88 -32.80 -14.53
CA GLN B 256 10.96 -32.29 -15.89
C GLN B 256 12.35 -31.77 -16.17
N GLU B 257 12.78 -30.78 -15.40
CA GLU B 257 14.10 -30.22 -15.58
C GLU B 257 15.15 -31.32 -15.69
N GLU B 258 14.99 -32.35 -14.88
CA GLU B 258 15.92 -33.48 -14.86
C GLU B 258 15.86 -34.33 -16.12
N LEU B 259 14.64 -34.62 -16.57
CA LEU B 259 14.46 -35.42 -17.77
C LEU B 259 15.16 -34.78 -18.96
N GLU B 260 15.09 -33.46 -19.04
CA GLU B 260 15.72 -32.72 -20.15
C GLU B 260 17.23 -32.86 -20.17
N PHE B 261 17.87 -32.83 -19.00
CA PHE B 261 19.32 -32.95 -18.93
C PHE B 261 19.69 -34.40 -19.16
N CYS B 262 18.83 -35.29 -18.68
CA CYS B 262 19.06 -36.72 -18.84
C CYS B 262 19.23 -37.05 -20.32
N GLU B 263 18.44 -36.39 -21.16
CA GLU B 263 18.52 -36.64 -22.58
C GLU B 263 19.53 -35.75 -23.28
N LYS B 264 19.86 -34.63 -22.65
CA LYS B 264 20.83 -33.72 -23.23
C LYS B 264 22.17 -34.45 -23.31
N LEU B 265 22.41 -35.34 -22.34
CA LEU B 265 23.65 -36.13 -22.28
C LEU B 265 23.67 -37.31 -23.23
N LEU B 266 22.52 -37.94 -23.44
CA LEU B 266 22.43 -39.07 -24.35
C LEU B 266 22.50 -38.56 -25.78
N GLN B 267 22.31 -37.26 -25.95
CA GLN B 267 22.36 -36.62 -27.27
C GLN B 267 23.76 -36.21 -27.68
N THR B 268 24.55 -35.73 -26.73
CA THR B 268 25.90 -35.30 -27.03
C THR B 268 26.99 -36.14 -26.37
N CYS B 269 26.66 -37.40 -26.07
CA CYS B 269 27.63 -38.30 -25.47
C CYS B 269 27.50 -39.67 -26.08
N PHE B 270 26.27 -40.19 -26.09
CA PHE B 270 26.02 -41.51 -26.64
C PHE B 270 24.94 -41.40 -27.72
N SER B 271 25.38 -41.26 -28.97
CA SER B 271 24.47 -41.11 -30.10
C SER B 271 24.72 -42.12 -31.22
N GLU C 12 -20.05 -30.47 11.11
CA GLU C 12 -19.44 -29.85 9.89
C GLU C 12 -20.01 -28.45 9.76
N ARG C 13 -19.17 -27.43 9.86
CA ARG C 13 -19.65 -26.04 9.77
C ARG C 13 -18.86 -25.14 8.81
N ASN C 14 -19.54 -24.63 7.79
CA ASN C 14 -18.93 -23.76 6.79
C ASN C 14 -19.17 -22.27 7.07
N VAL C 15 -18.08 -21.55 7.36
CA VAL C 15 -18.15 -20.14 7.63
C VAL C 15 -17.50 -19.38 6.47
N LEU C 16 -18.18 -18.35 5.96
CA LEU C 16 -17.63 -17.56 4.86
C LEU C 16 -17.12 -16.24 5.42
N ILE C 17 -15.86 -15.94 5.17
CA ILE C 17 -15.29 -14.70 5.65
C ILE C 17 -15.18 -13.77 4.48
N PHE C 18 -15.91 -12.66 4.57
CA PHE C 18 -15.99 -11.62 3.53
C PHE C 18 -15.21 -10.42 4.05
N ASP C 19 -14.01 -10.20 3.53
CA ASP C 19 -13.18 -9.08 4.00
C ASP C 19 -12.97 -7.98 2.95
N LEU C 20 -13.72 -6.89 3.08
CA LEU C 20 -13.59 -5.77 2.17
C LEU C 20 -12.91 -4.64 2.93
N GLY C 21 -11.67 -4.36 2.55
CA GLY C 21 -10.90 -3.32 3.20
C GLY C 21 -10.76 -2.07 2.34
N GLY C 22 -9.73 -1.28 2.61
CA GLY C 22 -9.52 -0.05 1.86
C GLY C 22 -8.78 -0.23 0.55
N GLY C 23 -8.12 -1.37 0.40
CA GLY C 23 -7.38 -1.57 -0.82
C GLY C 23 -7.68 -2.89 -1.48
N THR C 24 -7.90 -3.93 -0.68
CA THR C 24 -8.17 -5.24 -1.27
C THR C 24 -9.40 -5.94 -0.76
N PHE C 25 -9.96 -6.78 -1.61
CA PHE C 25 -11.12 -7.57 -1.27
C PHE C 25 -10.73 -9.04 -1.20
N ASP C 26 -10.91 -9.66 -0.03
CA ASP C 26 -10.58 -11.07 0.15
C ASP C 26 -11.69 -11.89 0.79
N VAL C 27 -12.06 -12.98 0.13
CA VAL C 27 -13.09 -13.87 0.66
C VAL C 27 -12.42 -15.21 0.98
N SER C 28 -12.97 -15.92 1.96
CA SER C 28 -12.39 -17.19 2.33
C SER C 28 -13.43 -18.08 2.99
N ILE C 29 -13.58 -19.31 2.51
CA ILE C 29 -14.52 -20.25 3.09
C ILE C 29 -13.73 -21.08 4.12
N LEU C 30 -14.12 -20.96 5.38
CA LEU C 30 -13.46 -21.65 6.50
C LEU C 30 -14.39 -22.65 7.22
N THR C 31 -13.96 -23.91 7.31
CA THR C 31 -14.77 -24.91 7.99
C THR C 31 -14.32 -25.13 9.42
N ILE C 32 -15.28 -25.29 10.33
CA ILE C 32 -14.92 -25.52 11.72
C ILE C 32 -15.71 -26.75 12.18
N ASP C 33 -14.98 -27.84 12.37
CA ASP C 33 -15.55 -29.12 12.80
C ASP C 33 -14.60 -29.84 13.73
N ASP C 34 -15.15 -30.66 14.61
CA ASP C 34 -14.38 -31.44 15.57
C ASP C 34 -13.42 -30.56 16.40
N GLY C 35 -13.66 -29.26 16.38
CA GLY C 35 -12.80 -28.35 17.12
C GLY C 35 -11.57 -27.97 16.32
N ILE C 36 -11.64 -28.17 15.02
CA ILE C 36 -10.54 -27.85 14.14
C ILE C 36 -10.98 -26.80 13.14
N PHE C 37 -10.30 -25.65 13.14
CA PHE C 37 -10.62 -24.59 12.20
C PHE C 37 -9.70 -24.74 11.02
N GLU C 38 -10.28 -24.89 9.84
CA GLU C 38 -9.48 -25.07 8.65
C GLU C 38 -9.96 -24.23 7.47
N VAL C 39 -9.04 -23.43 6.93
CA VAL C 39 -9.33 -22.60 5.77
C VAL C 39 -9.47 -23.59 4.62
N LYS C 40 -10.65 -23.63 3.99
CA LYS C 40 -10.91 -24.58 2.90
C LYS C 40 -10.84 -24.06 1.48
N ALA C 41 -10.87 -22.75 1.31
CA ALA C 41 -10.80 -22.15 -0.01
C ALA C 41 -10.55 -20.67 0.12
N THR C 42 -9.97 -20.07 -0.92
CA THR C 42 -9.66 -18.65 -0.92
C THR C 42 -9.78 -18.07 -2.31
N ALA C 43 -10.30 -16.84 -2.36
CA ALA C 43 -10.47 -16.15 -3.63
C ALA C 43 -10.23 -14.66 -3.42
N GLY C 44 -10.75 -13.85 -4.33
CA GLY C 44 -10.59 -12.40 -4.20
C GLY C 44 -10.12 -11.61 -5.42
N ASP C 45 -10.20 -10.29 -5.28
CA ASP C 45 -9.79 -9.35 -6.31
C ASP C 45 -8.91 -8.31 -5.61
N THR C 46 -7.70 -8.10 -6.13
CA THR C 46 -6.77 -7.15 -5.50
C THR C 46 -6.93 -5.71 -5.98
N HIS C 47 -7.87 -5.48 -6.91
CA HIS C 47 -8.14 -4.15 -7.43
C HIS C 47 -9.53 -3.67 -7.05
N LEU C 48 -10.03 -4.17 -5.92
CA LEU C 48 -11.33 -3.82 -5.40
C LEU C 48 -11.13 -3.48 -3.93
N GLY C 49 -11.66 -2.35 -3.52
CA GLY C 49 -11.52 -1.94 -2.14
C GLY C 49 -12.25 -0.63 -1.94
N GLY C 50 -12.19 -0.10 -0.72
CA GLY C 50 -12.85 1.16 -0.45
C GLY C 50 -12.28 2.29 -1.29
N GLU C 51 -10.96 2.27 -1.44
CA GLU C 51 -10.27 3.28 -2.23
C GLU C 51 -10.97 3.39 -3.58
N ASP C 52 -11.33 2.25 -4.16
CA ASP C 52 -12.00 2.20 -5.45
C ASP C 52 -13.30 2.94 -5.47
N PHE C 53 -14.13 2.72 -4.45
CA PHE C 53 -15.43 3.37 -4.37
C PHE C 53 -15.25 4.89 -4.24
N ASP C 54 -14.31 5.30 -3.39
CA ASP C 54 -14.03 6.70 -3.21
C ASP C 54 -13.84 7.37 -4.57
N ASN C 55 -12.87 6.90 -5.33
CA ASN C 55 -12.59 7.49 -6.62
C ASN C 55 -13.76 7.59 -7.58
N ARG C 56 -14.80 6.79 -7.37
CA ARG C 56 -15.98 6.86 -8.22
C ARG C 56 -16.72 8.14 -7.88
N LEU C 57 -16.64 8.54 -6.62
CA LEU C 57 -17.24 9.76 -6.15
C LEU C 57 -16.34 10.92 -6.56
N VAL C 58 -15.02 10.74 -6.43
CA VAL C 58 -14.11 11.79 -6.81
C VAL C 58 -14.36 12.19 -8.26
N ASN C 59 -14.41 11.19 -9.13
CA ASN C 59 -14.64 11.47 -10.55
C ASN C 59 -15.94 12.21 -10.79
N HIS C 60 -17.02 11.71 -10.20
CA HIS C 60 -18.36 12.29 -10.34
C HIS C 60 -18.41 13.79 -10.04
N PHE C 61 -17.60 14.20 -9.05
CA PHE C 61 -17.50 15.59 -8.61
C PHE C 61 -16.49 16.37 -9.43
N VAL C 62 -15.40 15.73 -9.83
CA VAL C 62 -14.43 16.46 -10.65
C VAL C 62 -15.18 16.87 -11.92
N GLU C 63 -16.01 15.97 -12.40
CA GLU C 63 -16.80 16.21 -13.57
C GLU C 63 -17.84 17.29 -13.23
N GLU C 64 -18.51 17.12 -12.08
CA GLU C 64 -19.51 18.08 -11.64
C GLU C 64 -18.89 19.47 -11.50
N PHE C 65 -17.61 19.50 -11.11
CA PHE C 65 -16.90 20.74 -10.92
C PHE C 65 -16.51 21.37 -12.26
N LYS C 66 -16.43 20.57 -13.31
CA LYS C 66 -16.12 21.13 -14.63
C LYS C 66 -17.38 21.84 -15.10
N ARG C 67 -18.52 21.21 -14.84
CA ARG C 67 -19.80 21.77 -15.24
C ARG C 67 -20.17 23.09 -14.57
N LYS C 68 -19.98 23.18 -13.26
CA LYS C 68 -20.34 24.38 -12.53
C LYS C 68 -19.29 25.47 -12.44
N HIS C 69 -18.02 25.14 -12.63
CA HIS C 69 -17.01 26.19 -12.52
C HIS C 69 -16.13 26.35 -13.73
N LYS C 70 -16.48 25.67 -14.82
CA LYS C 70 -15.70 25.77 -16.04
C LYS C 70 -14.20 25.57 -15.76
N LYS C 71 -13.87 24.56 -14.96
CA LYS C 71 -12.48 24.33 -14.66
C LYS C 71 -12.25 22.89 -14.30
N ASP C 72 -11.11 22.35 -14.74
CA ASP C 72 -10.78 20.97 -14.47
C ASP C 72 -9.72 20.91 -13.38
N ILE C 73 -10.05 20.26 -12.28
CA ILE C 73 -9.12 20.18 -11.18
C ILE C 73 -8.20 18.97 -11.21
N SER C 74 -8.39 18.12 -12.22
CA SER C 74 -7.60 16.90 -12.40
C SER C 74 -6.08 16.99 -12.20
N GLN C 75 -5.45 17.97 -12.81
CA GLN C 75 -4.01 18.06 -12.68
C GLN C 75 -3.45 18.61 -11.38
N ASN C 76 -4.31 19.19 -10.53
CA ASN C 76 -3.77 19.62 -9.25
C ASN C 76 -4.05 18.50 -8.29
N LYS C 77 -3.03 17.70 -8.03
CA LYS C 77 -3.19 16.55 -7.17
C LYS C 77 -3.43 16.88 -5.71
N ARG C 78 -2.98 18.04 -5.25
CA ARG C 78 -3.21 18.38 -3.86
C ARG C 78 -4.73 18.54 -3.71
N ALA C 79 -5.37 19.14 -4.72
CA ALA C 79 -6.81 19.37 -4.72
C ALA C 79 -7.58 18.06 -4.88
N VAL C 80 -7.10 17.19 -5.75
CA VAL C 80 -7.76 15.91 -5.97
C VAL C 80 -7.72 15.09 -4.69
N ARG C 81 -6.66 15.26 -3.92
CA ARG C 81 -6.50 14.50 -2.69
C ARG C 81 -7.55 14.97 -1.69
N ARG C 82 -7.67 16.29 -1.49
CA ARG C 82 -8.67 16.87 -0.58
C ARG C 82 -10.03 16.35 -0.98
N LEU C 83 -10.33 16.43 -2.28
CA LEU C 83 -11.60 15.96 -2.76
C LEU C 83 -11.81 14.52 -2.32
N ARG C 84 -10.83 13.66 -2.58
CA ARG C 84 -10.93 12.26 -2.22
C ARG C 84 -11.05 12.02 -0.72
N THR C 85 -10.31 12.77 0.09
CA THR C 85 -10.40 12.57 1.52
C THR C 85 -11.80 12.94 1.93
N ALA C 86 -12.32 14.02 1.35
CA ALA C 86 -13.66 14.47 1.68
C ALA C 86 -14.66 13.39 1.29
N CYS C 87 -14.50 12.87 0.08
CA CYS C 87 -15.40 11.84 -0.41
C CYS C 87 -15.43 10.61 0.48
N GLU C 88 -14.28 10.21 1.01
CA GLU C 88 -14.24 9.03 1.86
C GLU C 88 -15.13 9.27 3.07
N ARG C 89 -15.08 10.50 3.57
CA ARG C 89 -15.91 10.89 4.71
C ARG C 89 -17.41 10.80 4.35
N ALA C 90 -17.76 11.28 3.17
CA ALA C 90 -19.14 11.22 2.73
C ALA C 90 -19.63 9.78 2.52
N LYS C 91 -18.80 8.98 1.87
CA LYS C 91 -19.12 7.59 1.59
C LYS C 91 -19.52 6.89 2.87
N ARG C 92 -18.83 7.22 3.95
CA ARG C 92 -19.12 6.62 5.24
C ARG C 92 -20.45 7.11 5.81
N THR C 93 -20.65 8.42 5.76
CA THR C 93 -21.88 9.02 6.25
C THR C 93 -23.04 8.34 5.53
N LEU C 94 -22.83 8.08 4.24
CA LEU C 94 -23.83 7.45 3.39
C LEU C 94 -24.12 6.01 3.79
N SER C 95 -23.61 5.58 4.93
CA SER C 95 -23.87 4.22 5.38
C SER C 95 -24.94 4.22 6.44
N SER C 96 -25.23 5.42 6.94
CA SER C 96 -26.25 5.60 7.94
C SER C 96 -27.31 6.47 7.28
N SER C 97 -26.89 7.66 6.89
CA SER C 97 -27.81 8.59 6.25
C SER C 97 -28.11 8.08 4.87
N THR C 98 -29.10 8.67 4.24
CA THR C 98 -29.47 8.29 2.90
C THR C 98 -28.89 9.29 1.92
N GLN C 99 -28.04 10.18 2.46
CA GLN C 99 -27.39 11.19 1.65
C GLN C 99 -26.42 12.00 2.52
N ALA C 100 -25.46 12.67 1.90
CA ALA C 100 -24.52 13.49 2.67
C ALA C 100 -24.17 14.73 1.85
N SER C 101 -23.42 15.65 2.46
CA SER C 101 -23.01 16.89 1.78
C SER C 101 -21.54 17.15 2.00
N LEU C 102 -20.91 17.86 1.07
CA LEU C 102 -19.49 18.17 1.19
C LEU C 102 -19.24 19.65 1.09
N GLU C 103 -18.40 20.13 1.99
CA GLU C 103 -18.01 21.53 2.06
C GLU C 103 -16.47 21.50 2.02
N ILE C 104 -15.88 22.01 0.94
CA ILE C 104 -14.43 22.04 0.81
C ILE C 104 -14.01 23.47 0.46
N ASP C 105 -13.57 24.23 1.47
CA ASP C 105 -13.16 25.61 1.26
C ASP C 105 -11.91 25.74 0.43
N SER C 106 -11.97 26.60 -0.60
CA SER C 106 -10.81 26.83 -1.47
C SER C 106 -10.24 25.51 -1.98
N LEU C 107 -11.02 24.81 -2.78
CA LEU C 107 -10.61 23.52 -3.32
C LEU C 107 -9.74 23.68 -4.56
N PHE C 108 -9.92 24.80 -5.26
CA PHE C 108 -9.19 25.03 -6.49
C PHE C 108 -9.29 26.50 -6.87
N GLU C 109 -8.13 27.12 -7.05
CA GLU C 109 -8.04 28.52 -7.41
C GLU C 109 -8.94 29.37 -6.52
N GLY C 110 -8.89 29.08 -5.23
CA GLY C 110 -9.68 29.84 -4.27
C GLY C 110 -11.19 29.64 -4.27
N ILE C 111 -11.68 28.70 -5.07
CA ILE C 111 -13.11 28.45 -5.09
C ILE C 111 -13.55 27.56 -3.93
N ASP C 112 -14.65 27.91 -3.31
CA ASP C 112 -15.20 27.16 -2.22
C ASP C 112 -16.19 26.20 -2.86
N PHE C 113 -16.07 24.93 -2.56
CA PHE C 113 -16.88 23.93 -3.21
C PHE C 113 -17.99 23.35 -2.33
N TYR C 114 -19.23 23.34 -2.82
CA TYR C 114 -20.38 22.82 -2.06
C TYR C 114 -21.15 21.80 -2.90
N THR C 115 -21.44 20.62 -2.36
CA THR C 115 -22.19 19.58 -3.10
C THR C 115 -22.89 18.57 -2.19
N SER C 116 -23.72 17.75 -2.80
CA SER C 116 -24.48 16.71 -2.12
C SER C 116 -24.46 15.46 -2.97
N ILE C 117 -24.85 14.36 -2.36
CA ILE C 117 -24.92 13.08 -3.07
C ILE C 117 -25.85 12.16 -2.29
N THR C 118 -26.72 11.46 -2.98
CA THR C 118 -27.62 10.54 -2.27
C THR C 118 -27.11 9.10 -2.27
N ARG C 119 -27.41 8.37 -1.21
CA ARG C 119 -27.00 6.97 -1.09
C ARG C 119 -27.29 6.27 -2.40
N ALA C 120 -28.44 6.60 -2.97
CA ALA C 120 -28.85 6.03 -4.24
C ALA C 120 -27.86 6.38 -5.33
N ARG C 121 -27.55 7.67 -5.44
CA ARG C 121 -26.62 8.10 -6.46
C ARG C 121 -25.29 7.40 -6.26
N PHE C 122 -24.84 7.32 -5.01
CA PHE C 122 -23.58 6.66 -4.69
C PHE C 122 -23.57 5.28 -5.33
N GLU C 123 -24.63 4.53 -5.08
CA GLU C 123 -24.77 3.19 -5.61
C GLU C 123 -24.73 3.12 -7.14
N GLU C 124 -25.45 4.02 -7.81
CA GLU C 124 -25.44 4.03 -9.28
C GLU C 124 -23.99 4.12 -9.75
N LEU C 125 -23.26 5.11 -9.22
CA LEU C 125 -21.87 5.32 -9.60
C LEU C 125 -20.97 4.14 -9.32
N CYS C 126 -21.34 3.29 -8.37
CA CYS C 126 -20.55 2.13 -8.04
C CYS C 126 -21.16 0.77 -8.45
N SER C 127 -22.29 0.79 -9.15
CA SER C 127 -22.96 -0.44 -9.57
C SER C 127 -22.02 -1.60 -9.85
N ASP C 128 -21.30 -1.52 -10.96
CA ASP C 128 -20.36 -2.56 -11.35
C ASP C 128 -19.44 -3.01 -10.23
N LEU C 129 -18.73 -2.08 -9.60
CA LEU C 129 -17.82 -2.44 -8.51
C LEU C 129 -18.53 -3.30 -7.47
N PHE C 130 -19.76 -2.93 -7.14
CA PHE C 130 -20.51 -3.67 -6.16
C PHE C 130 -20.73 -5.12 -6.58
N ARG C 131 -21.23 -5.32 -7.79
CA ARG C 131 -21.51 -6.68 -8.29
C ARG C 131 -20.28 -7.55 -8.51
N SER C 132 -19.10 -6.96 -8.59
CA SER C 132 -17.90 -7.75 -8.82
C SER C 132 -17.32 -8.37 -7.53
N THR C 133 -17.95 -8.10 -6.40
CA THR C 133 -17.47 -8.67 -5.14
C THR C 133 -17.97 -10.10 -5.00
N LEU C 134 -19.01 -10.46 -5.77
CA LEU C 134 -19.55 -11.81 -5.71
C LEU C 134 -18.63 -12.78 -6.44
N GLU C 135 -18.06 -12.32 -7.55
CA GLU C 135 -17.15 -13.14 -8.33
C GLU C 135 -16.27 -13.98 -7.39
N PRO C 136 -15.49 -13.32 -6.50
CA PRO C 136 -14.62 -14.03 -5.55
C PRO C 136 -15.37 -15.00 -4.66
N VAL C 137 -16.57 -14.62 -4.23
CA VAL C 137 -17.38 -15.47 -3.40
C VAL C 137 -17.69 -16.75 -4.15
N GLU C 138 -18.25 -16.62 -5.35
CA GLU C 138 -18.58 -17.78 -6.15
C GLU C 138 -17.39 -18.69 -6.39
N LYS C 139 -16.24 -18.10 -6.73
CA LYS C 139 -15.02 -18.87 -6.98
C LYS C 139 -14.57 -19.67 -5.77
N ALA C 140 -14.53 -19.04 -4.61
CA ALA C 140 -14.13 -19.76 -3.41
C ALA C 140 -15.10 -20.91 -3.16
N LEU C 141 -16.34 -20.74 -3.64
CA LEU C 141 -17.37 -21.77 -3.49
C LEU C 141 -17.09 -22.96 -4.38
N ARG C 142 -16.60 -22.71 -5.60
CA ARG C 142 -16.27 -23.80 -6.49
C ARG C 142 -14.99 -24.45 -5.96
N ASP C 143 -13.96 -23.64 -5.73
CA ASP C 143 -12.68 -24.12 -5.23
C ASP C 143 -12.79 -24.86 -3.89
N ALA C 144 -13.92 -24.70 -3.22
CA ALA C 144 -14.14 -25.38 -1.94
C ALA C 144 -15.13 -26.52 -2.16
N LYS C 145 -15.44 -26.74 -3.43
CA LYS C 145 -16.36 -27.79 -3.82
C LYS C 145 -17.60 -27.75 -2.93
N LEU C 146 -18.13 -26.53 -2.74
CA LEU C 146 -19.32 -26.29 -1.92
C LEU C 146 -20.36 -25.51 -2.71
N ASP C 147 -21.59 -25.52 -2.21
CA ASP C 147 -22.71 -24.80 -2.82
C ASP C 147 -23.16 -23.73 -1.82
N LYS C 148 -23.42 -22.52 -2.31
CA LYS C 148 -23.83 -21.41 -1.45
C LYS C 148 -24.78 -21.86 -0.34
N ALA C 149 -25.71 -22.73 -0.69
CA ALA C 149 -26.69 -23.22 0.27
C ALA C 149 -26.11 -23.87 1.53
N GLN C 150 -24.83 -24.22 1.49
CA GLN C 150 -24.16 -24.87 2.64
C GLN C 150 -23.50 -23.93 3.62
N ILE C 151 -23.17 -22.72 3.17
CA ILE C 151 -22.54 -21.74 4.03
C ILE C 151 -23.43 -21.51 5.24
N HIS C 152 -23.03 -22.03 6.39
CA HIS C 152 -23.82 -21.87 7.60
C HIS C 152 -23.72 -20.47 8.18
N ASP C 153 -22.53 -19.88 8.13
CA ASP C 153 -22.31 -18.54 8.66
C ASP C 153 -21.64 -17.58 7.67
N LEU C 154 -21.97 -16.29 7.83
CA LEU C 154 -21.41 -15.22 7.01
C LEU C 154 -20.94 -14.14 7.96
N VAL C 155 -19.63 -13.95 8.06
CA VAL C 155 -19.14 -12.89 8.92
C VAL C 155 -18.49 -11.89 8.00
N LEU C 156 -18.71 -10.61 8.30
CA LEU C 156 -18.12 -9.54 7.54
C LEU C 156 -17.01 -8.90 8.36
N VAL C 157 -15.88 -8.64 7.69
CA VAL C 157 -14.73 -8.00 8.29
C VAL C 157 -14.27 -6.98 7.26
N GLY C 158 -13.89 -5.80 7.72
CA GLY C 158 -13.46 -4.76 6.80
C GLY C 158 -14.40 -3.59 6.78
N GLY C 159 -13.89 -2.41 7.09
CA GLY C 159 -14.70 -1.21 7.12
C GLY C 159 -15.75 -1.12 6.03
N SER C 160 -15.35 -1.40 4.79
CA SER C 160 -16.29 -1.31 3.68
C SER C 160 -17.27 -2.45 3.51
N THR C 161 -17.71 -3.04 4.62
CA THR C 161 -18.71 -4.10 4.58
C THR C 161 -19.96 -3.55 5.27
N ARG C 162 -19.90 -2.25 5.56
CA ARG C 162 -20.99 -1.53 6.20
C ARG C 162 -21.88 -0.91 5.14
N ILE C 163 -21.33 -0.70 3.93
CA ILE C 163 -22.11 -0.14 2.84
C ILE C 163 -23.36 -1.00 2.65
N PRO C 164 -24.54 -0.45 2.98
CA PRO C 164 -25.80 -1.20 2.85
C PRO C 164 -25.88 -2.06 1.60
N LYS C 165 -25.70 -1.42 0.44
CA LYS C 165 -25.78 -2.09 -0.85
C LYS C 165 -24.87 -3.31 -0.94
N VAL C 166 -23.79 -3.32 -0.16
CA VAL C 166 -22.86 -4.44 -0.16
C VAL C 166 -23.48 -5.64 0.56
N GLN C 167 -23.97 -5.42 1.77
CA GLN C 167 -24.60 -6.49 2.53
C GLN C 167 -25.87 -6.98 1.85
N LYS C 168 -26.53 -6.10 1.10
CA LYS C 168 -27.75 -6.51 0.41
C LYS C 168 -27.41 -7.41 -0.76
N LEU C 169 -26.39 -7.06 -1.54
CA LEU C 169 -26.01 -7.91 -2.65
C LEU C 169 -25.57 -9.26 -2.09
N LEU C 170 -24.82 -9.24 -1.00
CA LEU C 170 -24.33 -10.46 -0.38
C LEU C 170 -25.51 -11.29 0.12
N GLN C 171 -26.34 -10.66 0.94
CA GLN C 171 -27.51 -11.32 1.50
C GLN C 171 -28.44 -11.87 0.44
N ASP C 172 -28.66 -11.13 -0.64
CA ASP C 172 -29.54 -11.61 -1.71
C ASP C 172 -28.97 -12.87 -2.34
N PHE C 173 -27.64 -12.92 -2.46
CA PHE C 173 -26.95 -14.04 -3.07
C PHE C 173 -27.33 -15.34 -2.37
N PHE C 174 -27.22 -15.33 -1.05
CA PHE C 174 -27.56 -16.49 -0.22
C PHE C 174 -29.05 -16.47 0.10
N ASN C 175 -29.83 -15.90 -0.83
CA ASN C 175 -31.28 -15.79 -0.70
C ASN C 175 -31.81 -15.60 0.72
N GLY C 176 -31.20 -14.68 1.48
CA GLY C 176 -31.64 -14.45 2.84
C GLY C 176 -30.55 -14.71 3.89
N GLU D 12 12.69 27.58 -22.73
CA GLU D 12 11.69 26.49 -22.59
C GLU D 12 12.38 25.12 -22.42
N ARG D 13 11.90 24.31 -21.47
CA ARG D 13 12.51 23.00 -21.21
C ARG D 13 11.61 22.04 -20.44
N ASN D 14 11.26 20.93 -21.09
CA ASN D 14 10.38 19.91 -20.53
C ASN D 14 11.07 18.68 -19.93
N VAL D 15 10.90 18.47 -18.64
CA VAL D 15 11.49 17.33 -17.93
C VAL D 15 10.41 16.29 -17.57
N LEU D 16 10.67 15.04 -17.94
CA LEU D 16 9.74 13.95 -17.64
C LEU D 16 10.38 13.12 -16.55
N ILE D 17 9.75 13.08 -15.39
CA ILE D 17 10.28 12.29 -14.31
C ILE D 17 9.53 10.99 -14.30
N PHE D 18 10.27 9.92 -14.08
CA PHE D 18 9.76 8.56 -14.07
C PHE D 18 10.05 8.05 -12.66
N ASP D 19 9.01 7.90 -11.85
CA ASP D 19 9.20 7.41 -10.50
C ASP D 19 8.52 6.07 -10.29
N LEU D 20 9.33 5.01 -10.25
CA LEU D 20 8.83 3.66 -10.02
C LEU D 20 9.47 3.21 -8.71
N GLY D 21 8.67 3.21 -7.64
CA GLY D 21 9.18 2.80 -6.36
C GLY D 21 8.79 1.37 -6.04
N GLY D 22 8.60 1.09 -4.77
CA GLY D 22 8.25 -0.27 -4.38
C GLY D 22 6.78 -0.61 -4.50
N GLY D 23 5.90 0.38 -4.44
CA GLY D 23 4.48 0.05 -4.52
C GLY D 23 3.67 0.86 -5.50
N THR D 24 4.17 2.06 -5.84
CA THR D 24 3.47 2.93 -6.79
C THR D 24 4.38 3.52 -7.87
N PHE D 25 3.82 3.64 -9.06
CA PHE D 25 4.55 4.18 -10.18
C PHE D 25 3.96 5.52 -10.59
N ASP D 26 4.77 6.57 -10.49
CA ASP D 26 4.32 7.92 -10.85
C ASP D 26 5.20 8.56 -11.91
N VAL D 27 4.58 9.09 -12.95
CA VAL D 27 5.28 9.75 -14.03
C VAL D 27 4.72 11.17 -14.16
N SER D 28 5.61 12.15 -14.11
CA SER D 28 5.17 13.53 -14.19
C SER D 28 6.01 14.36 -15.17
N ILE D 29 5.36 15.23 -15.95
CA ILE D 29 6.05 16.11 -16.90
C ILE D 29 6.15 17.48 -16.25
N LEU D 30 7.37 17.93 -16.02
CA LEU D 30 7.61 19.22 -15.40
C LEU D 30 8.31 20.15 -16.38
N THR D 31 7.92 21.42 -16.40
CA THR D 31 8.52 22.37 -17.33
C THR D 31 9.24 23.50 -16.60
N ILE D 32 10.50 23.70 -16.89
CA ILE D 32 11.25 24.74 -16.23
C ILE D 32 11.69 25.82 -17.21
N ASP D 33 11.20 27.04 -16.99
CA ASP D 33 11.51 28.17 -17.85
C ASP D 33 11.55 29.50 -17.08
N ASP D 34 12.44 30.39 -17.52
CA ASP D 34 12.60 31.68 -16.90
C ASP D 34 12.83 31.59 -15.41
N GLY D 35 13.38 30.47 -14.97
CA GLY D 35 13.67 30.30 -13.57
C GLY D 35 12.44 29.88 -12.78
N ILE D 36 11.42 29.42 -13.48
CA ILE D 36 10.20 28.98 -12.84
C ILE D 36 9.89 27.51 -13.13
N PHE D 37 10.05 26.66 -12.12
CA PHE D 37 9.77 25.24 -12.27
C PHE D 37 8.29 25.00 -12.03
N GLU D 38 7.63 24.39 -13.01
CA GLU D 38 6.20 24.16 -12.88
C GLU D 38 5.70 22.81 -13.38
N VAL D 39 4.99 22.10 -12.50
CA VAL D 39 4.44 20.79 -12.83
C VAL D 39 3.24 20.94 -13.78
N LYS D 40 3.42 20.61 -15.06
CA LYS D 40 2.34 20.76 -16.04
C LYS D 40 1.45 19.52 -16.17
N ALA D 41 1.92 18.38 -15.70
CA ALA D 41 1.13 17.16 -15.79
C ALA D 41 1.66 16.09 -14.87
N THR D 42 0.76 15.25 -14.36
CA THR D 42 1.13 14.16 -13.47
C THR D 42 0.21 13.01 -13.80
N ALA D 43 0.78 11.80 -13.91
CA ALA D 43 0.00 10.60 -14.21
C ALA D 43 0.53 9.42 -13.43
N GLY D 44 -0.03 8.23 -13.69
CA GLY D 44 0.46 7.07 -12.98
C GLY D 44 -0.43 5.85 -12.83
N ASP D 45 0.00 4.98 -11.93
CA ASP D 45 -0.69 3.74 -11.61
C ASP D 45 -0.34 3.41 -10.16
N THR D 46 -1.38 3.20 -9.34
CA THR D 46 -1.17 2.90 -7.92
C THR D 46 -0.97 1.42 -7.60
N HIS D 47 -1.24 0.54 -8.56
CA HIS D 47 -1.05 -0.88 -8.34
C HIS D 47 0.10 -1.39 -9.24
N LEU D 48 1.17 -0.59 -9.31
CA LEU D 48 2.35 -0.93 -10.11
C LEU D 48 3.60 -0.48 -9.35
N GLY D 49 4.60 -1.35 -9.29
CA GLY D 49 5.84 -1.03 -8.59
C GLY D 49 6.72 -2.25 -8.43
N GLY D 50 7.79 -2.11 -7.65
CA GLY D 50 8.68 -3.23 -7.43
C GLY D 50 7.97 -4.39 -6.78
N GLU D 51 7.27 -4.12 -5.68
CA GLU D 51 6.54 -5.13 -4.93
C GLU D 51 5.81 -6.03 -5.91
N ASP D 52 5.18 -5.39 -6.88
CA ASP D 52 4.42 -6.11 -7.90
C ASP D 52 5.31 -6.97 -8.78
N PHE D 53 6.54 -6.54 -9.03
CA PHE D 53 7.45 -7.35 -9.83
C PHE D 53 7.82 -8.58 -9.01
N ASP D 54 8.29 -8.32 -7.79
CA ASP D 54 8.66 -9.38 -6.87
C ASP D 54 7.60 -10.47 -6.80
N ASN D 55 6.33 -10.09 -6.81
CA ASN D 55 5.26 -11.08 -6.72
C ASN D 55 5.11 -12.01 -7.92
N ARG D 56 5.45 -11.57 -9.13
CA ARG D 56 5.35 -12.44 -10.29
C ARG D 56 6.38 -13.56 -10.13
N LEU D 57 7.47 -13.24 -9.46
CA LEU D 57 8.54 -14.20 -9.18
C LEU D 57 8.13 -15.10 -8.04
N VAL D 58 7.17 -14.65 -7.24
CA VAL D 58 6.71 -15.44 -6.11
C VAL D 58 5.69 -16.44 -6.60
N ASN D 59 4.86 -16.01 -7.54
CA ASN D 59 3.87 -16.91 -8.06
C ASN D 59 4.59 -18.00 -8.83
N HIS D 60 5.45 -17.59 -9.77
CA HIS D 60 6.23 -18.53 -10.57
C HIS D 60 6.80 -19.67 -9.71
N PHE D 61 7.50 -19.32 -8.63
CA PHE D 61 8.10 -20.34 -7.77
C PHE D 61 7.09 -21.13 -6.93
N VAL D 62 6.03 -20.50 -6.46
CA VAL D 62 5.03 -21.23 -5.68
C VAL D 62 4.49 -22.35 -6.58
N GLU D 63 4.14 -21.95 -7.79
CA GLU D 63 3.62 -22.86 -8.79
C GLU D 63 4.64 -23.97 -9.01
N GLU D 64 5.90 -23.58 -9.08
CA GLU D 64 6.98 -24.53 -9.32
C GLU D 64 7.07 -25.51 -8.18
N PHE D 65 6.90 -25.01 -6.96
CA PHE D 65 6.96 -25.85 -5.76
C PHE D 65 5.88 -26.90 -5.85
N LYS D 66 4.68 -26.48 -6.26
CA LYS D 66 3.57 -27.41 -6.38
C LYS D 66 3.95 -28.54 -7.31
N ARG D 67 4.63 -28.20 -8.41
CA ARG D 67 5.04 -29.22 -9.37
C ARG D 67 6.10 -30.19 -8.85
N LYS D 68 7.20 -29.67 -8.33
CA LYS D 68 8.29 -30.51 -7.85
C LYS D 68 8.08 -31.22 -6.53
N HIS D 69 7.34 -30.62 -5.61
CA HIS D 69 7.14 -31.25 -4.31
C HIS D 69 5.68 -31.58 -4.04
N LYS D 70 4.82 -31.21 -4.99
CA LYS D 70 3.39 -31.48 -4.89
C LYS D 70 2.75 -30.87 -3.65
N LYS D 71 3.11 -29.64 -3.31
CA LYS D 71 2.53 -29.01 -2.15
C LYS D 71 2.33 -27.54 -2.43
N ASP D 72 1.15 -27.03 -2.07
CA ASP D 72 0.84 -25.63 -2.27
C ASP D 72 1.19 -24.84 -1.01
N ILE D 73 2.06 -23.84 -1.15
CA ILE D 73 2.48 -23.03 0.00
C ILE D 73 1.85 -21.64 0.06
N SER D 74 0.99 -21.31 -0.91
CA SER D 74 0.35 -20.00 -0.92
C SER D 74 -0.22 -19.63 0.46
N GLN D 75 -0.62 -20.66 1.22
CA GLN D 75 -1.25 -20.51 2.51
C GLN D 75 -0.29 -20.23 3.67
N ASN D 76 0.91 -20.81 3.66
CA ASN D 76 1.85 -20.48 4.76
C ASN D 76 2.37 -19.09 4.51
N LYS D 77 2.08 -18.18 5.42
CA LYS D 77 2.53 -16.80 5.26
C LYS D 77 4.00 -16.64 5.61
N ARG D 78 4.52 -17.57 6.41
CA ARG D 78 5.92 -17.53 6.78
C ARG D 78 6.72 -17.95 5.56
N ALA D 79 6.22 -18.96 4.86
CA ALA D 79 6.91 -19.43 3.66
C ALA D 79 6.78 -18.38 2.58
N VAL D 80 5.58 -17.83 2.46
CA VAL D 80 5.36 -16.80 1.44
C VAL D 80 6.19 -15.56 1.71
N ARG D 81 6.52 -15.31 2.98
CA ARG D 81 7.34 -14.14 3.28
C ARG D 81 8.73 -14.46 2.75
N ARG D 82 9.30 -15.53 3.26
CA ARG D 82 10.64 -15.93 2.86
C ARG D 82 10.82 -16.07 1.36
N LEU D 83 9.85 -16.63 0.66
CA LEU D 83 9.97 -16.76 -0.78
C LEU D 83 10.09 -15.38 -1.41
N ARG D 84 9.17 -14.46 -1.06
CA ARG D 84 9.19 -13.11 -1.62
C ARG D 84 10.45 -12.36 -1.25
N THR D 85 10.83 -12.39 0.02
CA THR D 85 12.05 -11.69 0.42
C THR D 85 13.11 -12.13 -0.56
N ALA D 86 13.44 -13.42 -0.51
CA ALA D 86 14.42 -14.02 -1.38
C ALA D 86 14.30 -13.56 -2.85
N CYS D 87 13.07 -13.31 -3.28
CA CYS D 87 12.85 -12.88 -4.65
C CYS D 87 13.28 -11.44 -4.91
N GLU D 88 13.18 -10.57 -3.91
CA GLU D 88 13.58 -9.19 -4.14
C GLU D 88 15.08 -9.13 -4.38
N ARG D 89 15.82 -9.97 -3.65
CA ARG D 89 17.26 -10.04 -3.84
C ARG D 89 17.63 -10.60 -5.19
N ALA D 90 16.92 -11.67 -5.54
CA ALA D 90 17.10 -12.30 -6.82
C ALA D 90 16.78 -11.29 -7.91
N LYS D 91 15.64 -10.63 -7.76
CA LYS D 91 15.16 -9.63 -8.72
C LYS D 91 16.19 -8.56 -9.00
N ARG D 92 16.71 -7.99 -7.91
CA ARG D 92 17.69 -6.93 -7.98
C ARG D 92 18.93 -7.48 -8.64
N THR D 93 19.39 -8.64 -8.18
CA THR D 93 20.58 -9.30 -8.70
C THR D 93 20.45 -9.52 -10.20
N LEU D 94 19.23 -9.56 -10.72
CA LEU D 94 19.02 -9.73 -12.13
C LEU D 94 19.26 -8.43 -12.88
N SER D 95 19.53 -7.35 -12.14
CA SER D 95 19.80 -6.05 -12.75
C SER D 95 21.24 -6.03 -13.25
N SER D 96 22.08 -6.86 -12.65
CA SER D 96 23.47 -6.98 -13.06
C SER D 96 23.48 -8.23 -13.93
N SER D 97 23.58 -9.38 -13.27
CA SER D 97 23.64 -10.70 -13.88
C SER D 97 22.48 -11.05 -14.82
N THR D 98 22.63 -12.18 -15.52
CA THR D 98 21.61 -12.68 -16.46
C THR D 98 20.93 -13.96 -15.95
N GLN D 99 21.11 -14.22 -14.66
CA GLN D 99 20.53 -15.39 -14.02
C GLN D 99 20.88 -15.33 -12.55
N ALA D 100 19.98 -15.81 -11.69
CA ALA D 100 20.24 -15.82 -10.26
C ALA D 100 19.75 -17.13 -9.71
N SER D 101 20.12 -17.40 -8.47
CA SER D 101 19.73 -18.65 -7.84
C SER D 101 19.14 -18.42 -6.44
N LEU D 102 18.08 -19.15 -6.11
CA LEU D 102 17.47 -19.01 -4.80
C LEU D 102 17.67 -20.26 -3.98
N GLU D 103 18.15 -20.07 -2.76
CA GLU D 103 18.41 -21.17 -1.85
C GLU D 103 17.73 -20.90 -0.51
N ILE D 104 16.67 -21.63 -0.20
CA ILE D 104 15.92 -21.42 1.05
C ILE D 104 15.78 -22.68 1.92
N ASP D 105 16.58 -22.75 2.98
CA ASP D 105 16.55 -23.89 3.90
C ASP D 105 15.21 -23.95 4.61
N SER D 106 14.48 -25.03 4.41
CA SER D 106 13.17 -25.24 5.05
C SER D 106 12.14 -24.19 4.63
N LEU D 107 11.68 -24.28 3.39
CA LEU D 107 10.70 -23.34 2.91
C LEU D 107 9.31 -23.85 3.19
N PHE D 108 9.23 -25.11 3.63
CA PHE D 108 7.94 -25.71 3.91
C PHE D 108 8.11 -27.19 4.21
N GLU D 109 7.55 -27.62 5.33
CA GLU D 109 7.61 -29.01 5.77
C GLU D 109 9.03 -29.58 5.74
N GLY D 110 10.00 -28.72 6.06
CA GLY D 110 11.40 -29.12 6.10
C GLY D 110 12.05 -29.48 4.77
N ILE D 111 11.45 -29.02 3.67
CA ILE D 111 11.97 -29.30 2.34
C ILE D 111 12.84 -28.13 1.93
N ASP D 112 14.12 -28.37 1.68
CA ASP D 112 14.98 -27.28 1.26
C ASP D 112 14.69 -26.99 -0.19
N PHE D 113 14.51 -25.71 -0.50
CA PHE D 113 14.17 -25.23 -1.84
C PHE D 113 15.37 -24.68 -2.60
N TYR D 114 15.55 -25.13 -3.84
CA TYR D 114 16.66 -24.69 -4.69
C TYR D 114 16.16 -24.40 -6.10
N THR D 115 16.28 -23.16 -6.55
CA THR D 115 15.85 -22.82 -7.91
C THR D 115 16.73 -21.72 -8.43
N SER D 116 16.54 -21.44 -9.72
CA SER D 116 17.27 -20.40 -10.39
C SER D 116 16.35 -19.85 -11.45
N ILE D 117 16.57 -18.58 -11.79
CA ILE D 117 15.75 -17.92 -12.79
C ILE D 117 16.70 -17.11 -13.66
N THR D 118 16.31 -16.86 -14.90
CA THR D 118 17.15 -16.09 -15.81
C THR D 118 16.57 -14.70 -16.03
N ARG D 119 17.46 -13.74 -16.29
CA ARG D 119 17.02 -12.37 -16.53
C ARG D 119 15.96 -12.42 -17.61
N ALA D 120 16.11 -13.35 -18.54
CA ALA D 120 15.15 -13.51 -19.61
C ALA D 120 13.83 -13.99 -19.04
N ARG D 121 13.87 -15.02 -18.20
CA ARG D 121 12.65 -15.57 -17.63
C ARG D 121 11.84 -14.52 -16.84
N PHE D 122 12.56 -13.73 -16.04
CA PHE D 122 12.02 -12.65 -15.22
C PHE D 122 11.22 -11.66 -16.08
N GLU D 123 11.82 -11.18 -17.16
CA GLU D 123 11.14 -10.25 -18.05
C GLU D 123 9.83 -10.82 -18.61
N GLU D 124 9.82 -12.11 -18.95
CA GLU D 124 8.63 -12.74 -19.50
C GLU D 124 7.46 -12.78 -18.51
N LEU D 125 7.78 -12.92 -17.24
CA LEU D 125 6.78 -12.96 -16.19
C LEU D 125 6.20 -11.57 -15.93
N CYS D 126 7.02 -10.56 -16.18
CA CYS D 126 6.58 -9.18 -15.95
C CYS D 126 6.38 -8.41 -17.24
N SER D 127 6.16 -9.12 -18.35
CA SER D 127 5.96 -8.48 -19.64
C SER D 127 4.93 -7.35 -19.61
N ASP D 128 3.66 -7.74 -19.45
CA ASP D 128 2.57 -6.77 -19.41
C ASP D 128 2.87 -5.67 -18.41
N LEU D 129 3.19 -6.04 -17.17
CA LEU D 129 3.51 -5.03 -16.16
C LEU D 129 4.49 -4.00 -16.76
N PHE D 130 5.64 -4.49 -17.23
CA PHE D 130 6.65 -3.63 -17.83
C PHE D 130 6.09 -2.73 -18.94
N ARG D 131 5.29 -3.30 -19.84
CA ARG D 131 4.72 -2.51 -20.93
C ARG D 131 3.63 -1.55 -20.48
N SER D 132 3.11 -1.73 -19.27
CA SER D 132 2.05 -0.87 -18.75
C SER D 132 2.61 0.34 -18.01
N THR D 133 3.93 0.52 -18.07
CA THR D 133 4.56 1.66 -17.42
C THR D 133 4.46 2.86 -18.35
N LEU D 134 4.45 2.57 -19.65
CA LEU D 134 4.36 3.62 -20.67
C LEU D 134 2.93 4.13 -20.80
N GLU D 135 1.99 3.38 -20.23
CA GLU D 135 0.58 3.76 -20.24
C GLU D 135 0.45 5.19 -19.69
N PRO D 136 1.12 5.47 -18.56
CA PRO D 136 1.08 6.79 -17.93
C PRO D 136 2.00 7.82 -18.59
N VAL D 137 2.99 7.37 -19.34
CA VAL D 137 3.89 8.30 -20.01
C VAL D 137 3.09 9.02 -21.08
N GLU D 138 2.26 8.26 -21.79
CA GLU D 138 1.46 8.83 -22.85
C GLU D 138 0.30 9.71 -22.39
N LYS D 139 -0.33 9.35 -21.27
CA LYS D 139 -1.44 10.17 -20.76
C LYS D 139 -0.90 11.49 -20.23
N ALA D 140 0.36 11.49 -19.80
CA ALA D 140 0.98 12.70 -19.26
C ALA D 140 1.39 13.63 -20.38
N LEU D 141 1.68 13.08 -21.57
CA LEU D 141 2.06 13.89 -22.71
C LEU D 141 0.79 14.41 -23.36
N ARG D 142 -0.34 13.77 -23.07
CA ARG D 142 -1.62 14.23 -23.60
C ARG D 142 -2.14 15.37 -22.73
N ASP D 143 -2.24 15.10 -21.42
CA ASP D 143 -2.70 16.08 -20.46
C ASP D 143 -1.82 17.34 -20.56
N ALA D 144 -0.55 17.15 -20.85
CA ALA D 144 0.39 18.26 -20.99
C ALA D 144 0.40 18.72 -22.44
N LYS D 145 -0.53 18.20 -23.22
CA LYS D 145 -0.65 18.56 -24.65
C LYS D 145 0.68 18.62 -25.40
N LEU D 146 1.67 17.84 -24.95
CA LEU D 146 2.99 17.79 -25.58
C LEU D 146 3.20 16.54 -26.45
N ASP D 147 4.25 16.53 -27.25
CA ASP D 147 4.55 15.41 -28.12
C ASP D 147 5.95 14.87 -27.77
N LYS D 148 6.04 13.58 -27.41
CA LYS D 148 7.29 12.93 -27.01
C LYS D 148 8.59 13.58 -27.49
N ALA D 149 8.64 13.95 -28.77
CA ALA D 149 9.84 14.57 -29.35
C ALA D 149 10.31 15.82 -28.59
N GLN D 150 9.37 16.46 -27.90
CA GLN D 150 9.61 17.69 -27.13
C GLN D 150 10.19 17.54 -25.73
N ILE D 151 10.23 16.30 -25.22
CA ILE D 151 10.78 16.07 -23.89
C ILE D 151 12.28 16.16 -23.99
N HIS D 152 12.86 17.16 -23.34
CA HIS D 152 14.29 17.40 -23.37
C HIS D 152 15.08 16.53 -22.43
N ASP D 153 14.50 16.20 -21.29
CA ASP D 153 15.19 15.38 -20.31
C ASP D 153 14.32 14.27 -19.73
N LEU D 154 14.91 13.09 -19.53
CA LEU D 154 14.21 11.94 -18.97
C LEU D 154 14.98 11.56 -17.73
N VAL D 155 14.48 11.92 -16.55
CA VAL D 155 15.19 11.55 -15.34
C VAL D 155 14.41 10.43 -14.65
N LEU D 156 15.13 9.43 -14.15
CA LEU D 156 14.51 8.29 -13.49
C LEU D 156 14.82 8.31 -12.01
N VAL D 157 13.79 8.05 -11.19
CA VAL D 157 13.94 8.01 -9.75
C VAL D 157 13.27 6.74 -9.21
N GLY D 158 13.85 6.17 -8.16
CA GLY D 158 13.28 4.97 -7.58
C GLY D 158 13.91 3.66 -8.03
N GLY D 159 14.44 2.91 -7.06
CA GLY D 159 15.08 1.63 -7.34
C GLY D 159 14.60 0.77 -8.50
N SER D 160 13.29 0.67 -8.72
CA SER D 160 12.77 -0.13 -9.82
C SER D 160 12.96 0.50 -11.19
N THR D 161 13.86 1.48 -11.30
CA THR D 161 14.14 2.13 -12.58
C THR D 161 15.46 1.57 -13.13
N ARG D 162 16.04 0.66 -12.35
CA ARG D 162 17.30 0.01 -12.70
C ARG D 162 17.06 -1.30 -13.47
N ILE D 163 15.83 -1.79 -13.46
CA ILE D 163 15.55 -3.02 -14.20
C ILE D 163 15.94 -2.70 -15.64
N PRO D 164 16.95 -3.40 -16.17
CA PRO D 164 17.39 -3.16 -17.54
C PRO D 164 16.21 -3.06 -18.50
N LYS D 165 15.38 -4.10 -18.51
CA LYS D 165 14.24 -4.15 -19.41
C LYS D 165 13.34 -2.92 -19.31
N VAL D 166 13.31 -2.27 -18.14
CA VAL D 166 12.49 -1.06 -18.02
C VAL D 166 13.14 0.03 -18.88
N GLN D 167 14.35 0.43 -18.51
CA GLN D 167 15.09 1.45 -19.26
C GLN D 167 14.99 1.25 -20.76
N LYS D 168 15.19 0.02 -21.22
CA LYS D 168 15.14 -0.27 -22.63
C LYS D 168 13.76 0.02 -23.21
N LEU D 169 12.70 -0.42 -22.53
CA LEU D 169 11.33 -0.18 -23.01
C LEU D 169 11.13 1.32 -23.25
N LEU D 170 11.57 2.11 -22.27
CA LEU D 170 11.44 3.57 -22.28
C LEU D 170 12.30 4.19 -23.36
N GLN D 171 13.62 3.98 -23.27
CA GLN D 171 14.57 4.51 -24.24
C GLN D 171 14.12 4.23 -25.68
N ASP D 172 13.31 3.19 -25.85
CA ASP D 172 12.83 2.84 -27.18
C ASP D 172 11.59 3.66 -27.52
N PHE D 173 10.81 3.98 -26.51
CA PHE D 173 9.60 4.75 -26.72
C PHE D 173 9.93 6.10 -27.31
N PHE D 174 11.11 6.61 -26.95
CA PHE D 174 11.55 7.90 -27.44
C PHE D 174 12.47 7.77 -28.64
N ASN D 175 12.56 6.56 -29.18
CA ASN D 175 13.38 6.26 -30.34
C ASN D 175 14.83 6.69 -30.19
N GLY D 176 15.32 6.72 -28.96
CA GLY D 176 16.70 7.13 -28.74
C GLY D 176 16.91 7.84 -27.41
#